data_2Q9Y
#
_entry.id   2Q9Y
#
_cell.length_a   122.488
_cell.length_b   122.488
_cell.length_c   150.494
_cell.angle_alpha   90.00
_cell.angle_beta   90.00
_cell.angle_gamma   120.00
#
_symmetry.space_group_name_H-M   'P 31 2 1'
#
loop_
_entity.id
_entity.type
_entity.pdbx_description
1 polymer 'Trichodiene synthase'
2 non-polymer 1,2-ETHANEDIOL
3 non-polymer 'MAGNESIUM ION'
4 non-polymer 'PYROPHOSPHATE 2-'
5 non-polymer N-benzyl-N,N-diethylethanaminium
6 water water
#
_entity_poly.entity_id   1
_entity_poly.type   'polypeptide(L)'
_entity_poly.pdbx_seq_one_letter_code
;MENFPTEYFLNTTVRLLEYIRYRDSNYTREERIENLHYAYNKAAHHFAQPRQQQLLKVDPKRLQASLQTIVGMVVYSWAK
VSKECMADLSIHYTYTLVLDDSKDDPYPTMVNYFDDLQAGREQAHPWWALVNEHFPNVLRHFGPFCSLNLIRSTLDFFEG
CWIEQYNFGGFPGSHDYPQFLRRMNGLGHCVGASLWPKEQFNERSLFLEITSAIAQMENWMVWVNDLMSFYKEFDDERDQ
ISLVKNYVVSDEISLHEALEKLTQDTLHSSKQMVAVFSDKDPQVMDTIECFMHGYVTWHLCDRRYRLSEIYEKVKEEKTE
DAQKFCKFYEQAANVGAVSPSEWAYPPVAQLANVRSKDVKEVQKPFLSSIELVE
;
_entity_poly.pdbx_strand_id   A,B
#
loop_
_chem_comp.id
_chem_comp.type
_chem_comp.name
_chem_comp.formula
BTM non-polymer N-benzyl-N,N-diethylethanaminium 'C13 H22 N 1'
EDO non-polymer 1,2-ETHANEDIOL 'C2 H6 O2'
MG non-polymer 'MAGNESIUM ION' 'Mg 2'
POP non-polymer 'PYROPHOSPHATE 2-' 'H2 O7 P2 -2'
#
# COMPACT_ATOMS: atom_id res chain seq x y z
N ASN A 3 -11.44 26.20 -22.64
CA ASN A 3 -10.45 25.44 -21.81
C ASN A 3 -10.22 24.05 -22.43
N PHE A 4 -9.12 23.41 -22.04
CA PHE A 4 -8.71 22.05 -22.48
C PHE A 4 -7.50 21.97 -23.41
N PRO A 5 -6.33 21.56 -22.86
CA PRO A 5 -5.04 21.41 -23.53
C PRO A 5 -5.02 20.40 -24.67
N THR A 6 -5.89 20.56 -25.66
CA THR A 6 -5.95 19.64 -26.78
C THR A 6 -4.58 19.37 -27.44
N GLU A 7 -3.77 20.43 -27.58
CA GLU A 7 -2.44 20.30 -28.19
C GLU A 7 -1.47 19.63 -27.23
N TYR A 8 -1.47 20.09 -25.98
CA TYR A 8 -0.60 19.55 -24.95
C TYR A 8 -0.91 18.08 -24.67
N PHE A 9 -2.20 17.74 -24.67
CA PHE A 9 -2.61 16.36 -24.43
C PHE A 9 -2.01 15.51 -25.53
N LEU A 10 -2.25 15.91 -26.77
CA LEU A 10 -1.75 15.19 -27.94
C LEU A 10 -0.26 14.91 -27.86
N ASN A 11 0.53 15.93 -27.49
CA ASN A 11 1.97 15.74 -27.40
C ASN A 11 2.31 14.64 -26.40
N THR A 12 1.77 14.75 -25.19
CA THR A 12 2.01 13.79 -24.13
C THR A 12 1.58 12.37 -24.52
N THR A 13 0.45 12.27 -25.21
CA THR A 13 -0.05 10.97 -25.65
C THR A 13 0.88 10.29 -26.65
N VAL A 14 1.43 11.08 -27.57
CA VAL A 14 2.32 10.52 -28.58
C VAL A 14 3.66 10.10 -27.96
N ARG A 15 4.13 10.90 -27.01
CA ARG A 15 5.38 10.61 -26.31
C ARG A 15 5.22 9.27 -25.58
N LEU A 16 4.18 9.18 -24.74
CA LEU A 16 3.91 7.95 -24.00
C LEU A 16 3.86 6.75 -24.94
N LEU A 17 3.10 6.89 -26.03
CA LEU A 17 2.98 5.81 -27.00
C LEU A 17 4.32 5.44 -27.63
N GLU A 18 5.16 6.44 -27.86
CA GLU A 18 6.48 6.23 -28.44
C GLU A 18 7.32 5.42 -27.47
N TYR A 19 7.57 5.98 -26.28
CA TYR A 19 8.34 5.31 -25.23
C TYR A 19 8.05 3.81 -25.08
N ILE A 20 6.81 3.47 -24.74
CA ILE A 20 6.43 2.07 -24.57
C ILE A 20 6.51 1.28 -25.87
N ARG A 21 6.81 1.96 -26.97
CA ARG A 21 6.93 1.32 -28.28
C ARG A 21 5.58 0.89 -28.81
N TYR A 22 4.50 1.55 -28.41
CA TYR A 22 3.18 1.14 -28.89
C TYR A 22 3.25 0.68 -30.33
N ARG A 23 3.07 -0.61 -30.57
CA ARG A 23 3.15 -1.11 -31.91
C ARG A 23 2.28 -2.31 -32.21
N ASP A 24 2.62 -2.94 -33.33
CA ASP A 24 1.93 -4.10 -33.87
C ASP A 24 1.98 -5.37 -33.01
N SER A 25 0.83 -5.73 -32.44
CA SER A 25 0.74 -6.93 -31.63
C SER A 25 0.66 -8.11 -32.59
N ASN A 26 0.77 -9.32 -32.06
CA ASN A 26 0.68 -10.51 -32.90
C ASN A 26 -0.68 -11.13 -32.61
N TYR A 27 -1.48 -10.38 -31.87
CA TYR A 27 -2.82 -10.76 -31.44
C TYR A 27 -3.82 -10.55 -32.57
N THR A 28 -4.25 -11.61 -33.25
CA THR A 28 -5.17 -11.48 -34.38
C THR A 28 -6.62 -11.20 -34.00
N ARG A 29 -7.23 -10.29 -34.75
CA ARG A 29 -8.62 -9.88 -34.53
C ARG A 29 -9.58 -11.06 -34.40
N GLU A 30 -9.27 -12.17 -35.05
CA GLU A 30 -10.15 -13.34 -34.95
C GLU A 30 -9.98 -13.93 -33.56
N GLU A 31 -8.76 -13.83 -33.03
CA GLU A 31 -8.44 -14.35 -31.70
C GLU A 31 -9.04 -13.45 -30.63
N ARG A 32 -8.94 -12.14 -30.83
CA ARG A 32 -9.50 -11.17 -29.90
C ARG A 32 -10.96 -11.52 -29.66
N ILE A 33 -11.68 -11.80 -30.74
CA ILE A 33 -13.08 -12.15 -30.64
C ILE A 33 -13.32 -13.50 -29.97
N GLU A 34 -12.38 -14.43 -30.13
CA GLU A 34 -12.55 -15.74 -29.50
C GLU A 34 -12.56 -15.52 -27.99
N ASN A 35 -11.59 -14.75 -27.53
CA ASN A 35 -11.42 -14.45 -26.13
C ASN A 35 -12.50 -13.53 -25.56
N LEU A 36 -12.85 -12.50 -26.31
CA LEU A 36 -13.89 -11.60 -25.85
C LEU A 36 -15.16 -12.41 -25.56
N HIS A 37 -15.56 -13.28 -26.49
CA HIS A 37 -16.77 -14.07 -26.26
C HIS A 37 -16.62 -15.10 -25.15
N TYR A 38 -15.44 -15.71 -25.03
CA TYR A 38 -15.25 -16.74 -24.01
C TYR A 38 -15.42 -16.17 -22.62
N ALA A 39 -14.70 -15.07 -22.37
CA ALA A 39 -14.75 -14.40 -21.09
C ALA A 39 -16.16 -13.86 -20.85
N TYR A 40 -16.65 -13.01 -21.75
CA TYR A 40 -17.97 -12.48 -21.56
C TYR A 40 -18.96 -13.59 -21.20
N ASN A 41 -18.97 -14.66 -21.99
CA ASN A 41 -19.88 -15.77 -21.76
C ASN A 41 -19.83 -16.42 -20.37
N LYS A 42 -18.64 -16.75 -19.88
CA LYS A 42 -18.56 -17.38 -18.57
C LYS A 42 -19.08 -16.43 -17.47
N ALA A 43 -18.69 -15.16 -17.60
CA ALA A 43 -19.09 -14.11 -16.67
C ALA A 43 -20.60 -13.86 -16.70
N ALA A 44 -21.14 -13.55 -17.87
CA ALA A 44 -22.58 -13.32 -17.99
C ALA A 44 -23.35 -14.46 -17.32
N HIS A 45 -22.90 -15.70 -17.56
CA HIS A 45 -23.55 -16.85 -16.94
C HIS A 45 -23.41 -16.83 -15.43
N HIS A 46 -22.29 -16.28 -14.95
CA HIS A 46 -22.05 -16.16 -13.50
C HIS A 46 -22.98 -15.15 -12.87
N PHE A 47 -22.86 -13.89 -13.31
CA PHE A 47 -23.70 -12.81 -12.79
C PHE A 47 -25.20 -12.98 -13.00
N ALA A 48 -25.58 -13.95 -13.82
CA ALA A 48 -26.98 -14.23 -14.10
C ALA A 48 -27.50 -15.26 -13.09
N GLN A 49 -26.62 -15.81 -12.27
CA GLN A 49 -27.05 -16.78 -11.27
C GLN A 49 -27.95 -16.01 -10.32
N PRO A 50 -28.94 -16.68 -9.72
CA PRO A 50 -29.83 -15.98 -8.79
C PRO A 50 -29.16 -15.42 -7.53
N ARG A 51 -28.34 -16.22 -6.86
CA ARG A 51 -27.65 -15.74 -5.66
C ARG A 51 -26.95 -14.44 -6.04
N GLN A 52 -26.16 -14.48 -7.10
CA GLN A 52 -25.45 -13.29 -7.56
C GLN A 52 -26.48 -12.18 -7.80
N GLN A 53 -27.51 -12.53 -8.56
CA GLN A 53 -28.57 -11.58 -8.91
C GLN A 53 -29.23 -10.89 -7.72
N GLN A 54 -29.39 -11.60 -6.61
CA GLN A 54 -30.05 -10.98 -5.48
C GLN A 54 -29.13 -10.36 -4.43
N LEU A 55 -27.84 -10.68 -4.47
CA LEU A 55 -26.92 -10.11 -3.50
C LEU A 55 -26.08 -8.95 -4.02
N LEU A 56 -26.06 -8.77 -5.34
CA LEU A 56 -25.28 -7.70 -5.92
C LEU A 56 -26.19 -6.57 -6.35
N LYS A 57 -26.12 -5.45 -5.64
CA LYS A 57 -26.97 -4.33 -5.97
C LYS A 57 -26.37 -3.48 -7.05
N VAL A 58 -26.83 -3.69 -8.27
CA VAL A 58 -26.35 -2.95 -9.43
C VAL A 58 -27.46 -2.84 -10.46
N ASP A 59 -27.69 -1.65 -11.00
CA ASP A 59 -28.72 -1.51 -12.02
C ASP A 59 -28.27 -2.34 -13.22
N PRO A 60 -29.13 -3.27 -13.66
CA PRO A 60 -28.87 -4.16 -14.80
C PRO A 60 -28.12 -3.56 -15.99
N LYS A 61 -28.49 -2.36 -16.41
CA LYS A 61 -27.80 -1.73 -17.55
C LYS A 61 -26.36 -1.36 -17.26
N ARG A 62 -26.06 -0.93 -16.04
CA ARG A 62 -24.68 -0.57 -15.70
C ARG A 62 -23.85 -1.83 -15.52
N LEU A 63 -24.49 -2.92 -15.07
CA LEU A 63 -23.77 -4.18 -14.86
C LEU A 63 -23.34 -4.69 -16.23
N GLN A 64 -24.29 -4.65 -17.16
CA GLN A 64 -24.07 -5.09 -18.52
C GLN A 64 -22.91 -4.31 -19.10
N ALA A 65 -22.97 -2.99 -18.97
CA ALA A 65 -21.94 -2.14 -19.50
C ALA A 65 -20.59 -2.36 -18.82
N SER A 66 -20.62 -2.47 -17.49
CA SER A 66 -19.40 -2.67 -16.71
C SER A 66 -18.70 -3.95 -17.09
N LEU A 67 -19.45 -5.06 -17.13
CA LEU A 67 -18.88 -6.35 -17.47
C LEU A 67 -18.20 -6.26 -18.84
N GLN A 68 -18.82 -5.53 -19.76
CA GLN A 68 -18.24 -5.38 -21.10
C GLN A 68 -16.95 -4.58 -21.07
N THR A 69 -16.96 -3.41 -20.45
CA THR A 69 -15.74 -2.62 -20.39
C THR A 69 -14.61 -3.49 -19.82
N ILE A 70 -14.92 -4.28 -18.80
CA ILE A 70 -13.92 -5.13 -18.14
C ILE A 70 -13.39 -6.25 -19.03
N VAL A 71 -14.28 -7.08 -19.57
CA VAL A 71 -13.86 -8.16 -20.46
C VAL A 71 -12.90 -7.56 -21.50
N GLY A 72 -13.25 -6.40 -22.05
CA GLY A 72 -12.40 -5.75 -23.01
C GLY A 72 -11.03 -5.44 -22.42
N MET A 73 -11.02 -4.82 -21.25
CA MET A 73 -9.77 -4.49 -20.59
C MET A 73 -8.90 -5.72 -20.32
N VAL A 74 -9.51 -6.79 -19.81
CA VAL A 74 -8.75 -7.99 -19.51
C VAL A 74 -8.20 -8.69 -20.76
N VAL A 75 -9.09 -9.08 -21.65
CA VAL A 75 -8.71 -9.77 -22.88
C VAL A 75 -7.66 -9.06 -23.70
N TYR A 76 -7.76 -7.73 -23.77
CA TYR A 76 -6.80 -6.95 -24.51
C TYR A 76 -5.49 -6.71 -23.79
N SER A 77 -5.46 -6.92 -22.47
CA SER A 77 -4.24 -6.66 -21.72
C SER A 77 -3.54 -7.88 -21.14
N TRP A 78 -4.29 -8.91 -20.82
CA TRP A 78 -3.72 -10.12 -20.27
C TRP A 78 -3.59 -11.11 -21.44
N ALA A 79 -3.25 -10.54 -22.59
CA ALA A 79 -3.08 -11.27 -23.85
C ALA A 79 -2.43 -12.67 -23.78
N LYS A 80 -1.51 -12.88 -22.85
CA LYS A 80 -0.82 -14.16 -22.77
C LYS A 80 -1.35 -15.20 -21.81
N VAL A 81 -2.45 -14.92 -21.10
CA VAL A 81 -2.99 -15.91 -20.16
C VAL A 81 -4.05 -16.80 -20.82
N SER A 82 -4.39 -17.91 -20.18
CA SER A 82 -5.39 -18.81 -20.77
C SER A 82 -6.76 -18.18 -20.84
N LYS A 83 -7.67 -18.84 -21.55
CA LYS A 83 -9.04 -18.35 -21.67
C LYS A 83 -9.72 -18.36 -20.31
N GLU A 84 -9.59 -19.45 -19.56
CA GLU A 84 -10.20 -19.50 -18.24
C GLU A 84 -9.69 -18.33 -17.40
N CYS A 85 -8.39 -18.11 -17.40
CA CYS A 85 -7.79 -17.02 -16.64
C CYS A 85 -8.43 -15.66 -16.94
N MET A 86 -8.61 -15.36 -18.22
CA MET A 86 -9.22 -14.09 -18.63
C MET A 86 -10.65 -14.04 -18.09
N ALA A 87 -11.34 -15.18 -18.19
CA ALA A 87 -12.71 -15.30 -17.73
C ALA A 87 -12.81 -15.01 -16.25
N ASP A 88 -12.08 -15.76 -15.44
CA ASP A 88 -12.11 -15.56 -14.00
C ASP A 88 -11.65 -14.17 -13.54
N LEU A 89 -10.65 -13.59 -14.19
CA LEU A 89 -10.19 -12.24 -13.83
C LEU A 89 -11.28 -11.23 -14.23
N SER A 90 -12.02 -11.56 -15.28
CA SER A 90 -13.07 -10.69 -15.76
C SER A 90 -14.19 -10.59 -14.72
N ILE A 91 -14.45 -11.70 -14.02
CA ILE A 91 -15.49 -11.73 -13.00
C ILE A 91 -15.07 -10.91 -11.75
N HIS A 92 -13.82 -11.09 -11.34
CA HIS A 92 -13.28 -10.40 -10.18
C HIS A 92 -13.13 -8.91 -10.43
N TYR A 93 -12.76 -8.54 -11.64
CA TYR A 93 -12.60 -7.13 -11.90
C TYR A 93 -13.94 -6.46 -12.14
N THR A 94 -14.95 -7.23 -12.51
CA THR A 94 -16.27 -6.63 -12.71
C THR A 94 -16.85 -6.37 -11.32
N TYR A 95 -16.61 -7.27 -10.37
CA TYR A 95 -17.09 -7.08 -9.00
C TYR A 95 -16.57 -5.75 -8.47
N THR A 96 -15.25 -5.59 -8.47
CA THR A 96 -14.63 -4.37 -7.98
C THR A 96 -15.21 -3.11 -8.58
N LEU A 97 -15.31 -3.07 -9.90
CA LEU A 97 -15.85 -1.91 -10.59
C LEU A 97 -17.28 -1.64 -10.13
N VAL A 98 -18.03 -2.71 -9.91
CA VAL A 98 -19.42 -2.58 -9.49
C VAL A 98 -19.59 -1.98 -8.07
N LEU A 99 -18.59 -2.11 -7.21
CA LEU A 99 -18.67 -1.57 -5.85
C LEU A 99 -18.71 -0.04 -5.79
N ASP A 100 -18.32 0.62 -6.87
CA ASP A 100 -18.34 2.08 -6.87
C ASP A 100 -19.76 2.62 -7.04
N ASP A 101 -20.68 1.73 -7.39
CA ASP A 101 -22.07 2.13 -7.56
C ASP A 101 -22.74 2.16 -6.19
N SER A 102 -22.13 1.47 -5.23
CA SER A 102 -22.66 1.40 -3.86
C SER A 102 -22.34 2.67 -3.10
N LYS A 103 -23.38 3.23 -2.48
CA LYS A 103 -23.27 4.46 -1.73
C LYS A 103 -23.46 4.15 -0.26
N ASP A 104 -23.85 2.91 0.03
CA ASP A 104 -24.10 2.44 1.39
C ASP A 104 -22.89 2.44 2.34
N ASP A 105 -23.11 2.94 3.55
CA ASP A 105 -22.07 3.01 4.59
C ASP A 105 -21.58 1.62 5.00
N PRO A 106 -20.27 1.36 4.84
CA PRO A 106 -19.64 0.07 5.20
C PRO A 106 -19.59 -0.19 6.71
N TYR A 107 -19.66 0.88 7.49
CA TYR A 107 -19.57 0.82 8.95
C TYR A 107 -20.33 -0.32 9.64
N PRO A 108 -21.66 -0.34 9.53
CA PRO A 108 -22.48 -1.39 10.15
C PRO A 108 -22.10 -2.83 9.80
N THR A 109 -21.70 -3.05 8.54
CA THR A 109 -21.34 -4.38 8.07
C THR A 109 -19.89 -4.72 8.35
N MET A 110 -19.07 -3.70 8.50
CA MET A 110 -17.66 -3.90 8.80
C MET A 110 -17.35 -4.04 10.30
N VAL A 111 -18.35 -3.78 11.15
CA VAL A 111 -18.20 -3.88 12.61
C VAL A 111 -17.67 -5.23 13.08
N ASN A 112 -18.12 -6.32 12.47
CA ASN A 112 -17.64 -7.65 12.85
C ASN A 112 -16.83 -8.32 11.75
N TYR A 113 -16.18 -7.49 10.92
CA TYR A 113 -15.38 -8.01 9.82
C TYR A 113 -14.39 -9.09 10.24
N PHE A 114 -13.44 -8.72 11.09
CA PHE A 114 -12.43 -9.67 11.53
C PHE A 114 -12.90 -10.91 12.26
N ASP A 115 -13.93 -10.78 13.08
CA ASP A 115 -14.38 -11.94 13.84
C ASP A 115 -15.09 -12.97 13.01
N ASP A 116 -15.92 -12.52 12.08
CA ASP A 116 -16.61 -13.46 11.25
C ASP A 116 -15.56 -14.12 10.38
N LEU A 117 -14.60 -13.33 9.90
CA LEU A 117 -13.53 -13.82 9.06
C LEU A 117 -12.75 -14.94 9.75
N GLN A 118 -12.21 -14.64 10.93
CA GLN A 118 -11.44 -15.63 11.68
C GLN A 118 -12.27 -16.83 12.06
N ALA A 119 -13.59 -16.64 12.13
CA ALA A 119 -14.49 -17.72 12.50
C ALA A 119 -14.98 -18.52 11.31
N GLY A 120 -14.83 -17.96 10.11
CA GLY A 120 -15.31 -18.65 8.92
C GLY A 120 -16.79 -18.44 8.66
N ARG A 121 -17.35 -17.36 9.19
CA ARG A 121 -18.77 -17.04 8.99
C ARG A 121 -18.90 -16.06 7.82
N GLU A 122 -19.96 -16.25 7.03
CA GLU A 122 -20.19 -15.39 5.89
C GLU A 122 -20.23 -13.91 6.31
N GLN A 123 -19.55 -13.06 5.54
CA GLN A 123 -19.52 -11.64 5.82
C GLN A 123 -20.90 -11.00 5.75
N ALA A 124 -21.03 -9.87 6.45
CA ALA A 124 -22.27 -9.12 6.51
C ALA A 124 -22.46 -8.35 5.21
N HIS A 125 -21.43 -7.59 4.81
CA HIS A 125 -21.48 -6.84 3.57
C HIS A 125 -21.57 -7.85 2.40
N PRO A 126 -22.69 -7.84 1.66
CA PRO A 126 -22.89 -8.75 0.52
C PRO A 126 -21.78 -8.78 -0.51
N TRP A 127 -21.17 -7.63 -0.79
CA TRP A 127 -20.07 -7.58 -1.75
C TRP A 127 -18.97 -8.53 -1.29
N TRP A 128 -18.67 -8.50 0.00
CA TRP A 128 -17.64 -9.38 0.52
C TRP A 128 -18.07 -10.83 0.40
N ALA A 129 -19.31 -11.13 0.78
CA ALA A 129 -19.82 -12.49 0.71
C ALA A 129 -19.63 -13.13 -0.68
N LEU A 130 -19.95 -12.37 -1.73
CA LEU A 130 -19.80 -12.85 -3.10
C LEU A 130 -18.34 -12.92 -3.52
N VAL A 131 -17.60 -11.84 -3.34
CA VAL A 131 -16.20 -11.76 -3.72
C VAL A 131 -15.35 -12.81 -3.05
N ASN A 132 -15.50 -12.99 -1.74
CA ASN A 132 -14.69 -13.99 -1.05
C ASN A 132 -15.08 -15.42 -1.40
N GLU A 133 -16.31 -15.60 -1.83
CA GLU A 133 -16.80 -16.92 -2.18
C GLU A 133 -16.32 -17.32 -3.56
N HIS A 134 -16.13 -16.31 -4.41
CA HIS A 134 -15.70 -16.53 -5.78
C HIS A 134 -14.19 -16.54 -5.95
N PHE A 135 -13.48 -15.84 -5.06
CA PHE A 135 -12.01 -15.73 -5.11
C PHE A 135 -11.22 -17.02 -5.40
N PRO A 136 -11.56 -18.14 -4.77
CA PRO A 136 -10.80 -19.37 -5.05
C PRO A 136 -10.71 -19.64 -6.56
N ASN A 137 -11.83 -19.38 -7.24
CA ASN A 137 -12.00 -19.53 -8.68
C ASN A 137 -10.96 -18.69 -9.44
N VAL A 138 -10.37 -17.71 -8.75
CA VAL A 138 -9.38 -16.84 -9.35
C VAL A 138 -7.99 -17.19 -8.89
N LEU A 139 -7.85 -17.35 -7.59
CA LEU A 139 -6.56 -17.62 -7.01
C LEU A 139 -5.90 -18.93 -7.47
N ARG A 140 -6.72 -19.90 -7.86
CA ARG A 140 -6.20 -21.20 -8.30
C ARG A 140 -5.28 -21.06 -9.50
N HIS A 141 -5.33 -19.92 -10.17
CA HIS A 141 -4.50 -19.67 -11.33
C HIS A 141 -3.12 -19.19 -10.92
N PHE A 142 -2.95 -18.83 -9.65
CA PHE A 142 -1.67 -18.31 -9.20
C PHE A 142 -1.01 -19.04 -8.04
N GLY A 143 0.27 -18.73 -7.85
CA GLY A 143 1.03 -19.32 -6.77
C GLY A 143 0.71 -18.56 -5.51
N PRO A 144 1.25 -19.00 -4.35
CA PRO A 144 0.96 -18.31 -3.11
C PRO A 144 1.35 -16.83 -3.08
N PHE A 145 2.59 -16.51 -3.43
CA PHE A 145 2.98 -15.11 -3.40
C PHE A 145 1.97 -14.26 -4.16
N CYS A 146 1.86 -14.50 -5.46
CA CYS A 146 0.94 -13.75 -6.28
C CYS A 146 -0.46 -13.67 -5.68
N SER A 147 -0.93 -14.75 -5.06
CA SER A 147 -2.26 -14.72 -4.45
C SER A 147 -2.36 -13.71 -3.31
N LEU A 148 -1.36 -13.70 -2.43
CA LEU A 148 -1.38 -12.78 -1.31
C LEU A 148 -1.57 -11.36 -1.84
N ASN A 149 -0.85 -11.03 -2.89
CA ASN A 149 -0.94 -9.71 -3.47
C ASN A 149 -2.36 -9.36 -3.90
N LEU A 150 -3.03 -10.28 -4.58
CA LEU A 150 -4.41 -10.05 -5.03
C LEU A 150 -5.32 -9.84 -3.83
N ILE A 151 -5.22 -10.75 -2.86
CA ILE A 151 -6.02 -10.67 -1.64
C ILE A 151 -5.86 -9.31 -0.98
N ARG A 152 -4.61 -8.84 -0.87
CA ARG A 152 -4.35 -7.53 -0.26
C ARG A 152 -4.92 -6.36 -1.04
N SER A 153 -4.64 -6.30 -2.35
CA SER A 153 -5.14 -5.18 -3.13
C SER A 153 -6.65 -5.04 -3.07
N THR A 154 -7.34 -6.17 -3.24
CA THR A 154 -8.79 -6.19 -3.18
C THR A 154 -9.28 -5.60 -1.84
N LEU A 155 -8.56 -5.91 -0.77
CA LEU A 155 -8.90 -5.39 0.56
C LEU A 155 -8.64 -3.89 0.63
N ASP A 156 -7.52 -3.46 0.05
CA ASP A 156 -7.17 -2.05 0.05
C ASP A 156 -8.21 -1.38 -0.81
N PHE A 157 -8.68 -2.10 -1.82
CA PHE A 157 -9.67 -1.54 -2.71
C PHE A 157 -10.96 -1.22 -1.96
N PHE A 158 -11.36 -2.15 -1.09
CA PHE A 158 -12.58 -1.99 -0.29
C PHE A 158 -12.51 -0.73 0.57
N GLU A 159 -11.37 -0.52 1.22
CA GLU A 159 -11.20 0.67 2.05
C GLU A 159 -11.25 1.96 1.21
N GLY A 160 -10.60 1.95 0.05
CA GLY A 160 -10.60 3.13 -0.80
C GLY A 160 -12.00 3.53 -1.22
N CYS A 161 -12.85 2.54 -1.46
CA CYS A 161 -14.21 2.82 -1.85
C CYS A 161 -14.87 3.56 -0.69
N TRP A 162 -14.62 3.03 0.51
CA TRP A 162 -15.13 3.57 1.78
C TRP A 162 -14.80 5.05 1.90
N ILE A 163 -13.50 5.35 1.74
CA ILE A 163 -13.00 6.71 1.80
C ILE A 163 -13.63 7.55 0.71
N GLU A 164 -13.67 7.01 -0.51
CA GLU A 164 -14.23 7.78 -1.62
C GLU A 164 -15.68 8.17 -1.44
N GLN A 165 -16.36 7.49 -0.53
CA GLN A 165 -17.78 7.76 -0.26
C GLN A 165 -17.95 9.14 0.37
N TYR A 166 -16.86 9.69 0.88
CA TYR A 166 -16.85 10.99 1.53
C TYR A 166 -16.57 12.16 0.58
N ASN A 167 -16.40 11.87 -0.70
CA ASN A 167 -16.16 12.91 -1.70
C ASN A 167 -15.12 13.93 -1.22
N PHE A 168 -14.06 13.43 -0.57
CA PHE A 168 -13.00 14.23 0.00
C PHE A 168 -11.70 14.25 -0.83
N GLY A 169 -11.33 15.42 -1.33
CA GLY A 169 -10.12 15.50 -2.11
C GLY A 169 -8.86 15.81 -1.31
N GLY A 170 -8.98 15.87 0.01
CA GLY A 170 -7.81 16.16 0.84
C GLY A 170 -7.72 17.56 1.44
N PHE A 171 -7.11 17.65 2.62
CA PHE A 171 -6.93 18.94 3.30
C PHE A 171 -5.85 19.72 2.58
N PRO A 172 -6.09 21.02 2.31
CA PRO A 172 -5.07 21.82 1.63
C PRO A 172 -3.75 21.69 2.39
N GLY A 173 -2.71 21.23 1.72
CA GLY A 173 -1.43 21.07 2.38
C GLY A 173 -1.15 19.62 2.75
N SER A 174 -2.16 18.78 2.57
CA SER A 174 -2.02 17.36 2.86
C SER A 174 -1.47 16.68 1.60
N HIS A 175 -0.27 17.08 1.21
CA HIS A 175 0.39 16.59 -0.01
C HIS A 175 0.43 15.07 -0.22
N ASP A 176 0.48 14.29 0.84
CA ASP A 176 0.55 12.83 0.73
C ASP A 176 -0.80 12.14 0.51
N TYR A 177 -1.88 12.90 0.44
CA TYR A 177 -3.20 12.31 0.29
C TYR A 177 -3.56 11.72 -1.09
N PRO A 178 -3.28 12.45 -2.18
CA PRO A 178 -3.63 11.91 -3.51
C PRO A 178 -3.00 10.57 -3.87
N GLN A 179 -1.68 10.44 -3.66
CA GLN A 179 -1.00 9.19 -3.95
C GLN A 179 -1.56 8.06 -3.09
N PHE A 180 -1.80 8.39 -1.83
CA PHE A 180 -2.35 7.48 -0.81
C PHE A 180 -3.69 6.89 -1.26
N LEU A 181 -4.57 7.78 -1.72
CA LEU A 181 -5.89 7.40 -2.18
C LEU A 181 -5.85 6.65 -3.49
N ARG A 182 -5.17 7.23 -4.48
CA ARG A 182 -5.07 6.62 -5.81
C ARG A 182 -4.52 5.21 -5.67
N ARG A 183 -3.56 5.08 -4.77
CA ARG A 183 -2.97 3.79 -4.51
C ARG A 183 -3.97 2.88 -3.83
N MET A 184 -4.74 3.43 -2.89
CA MET A 184 -5.74 2.66 -2.15
C MET A 184 -6.77 1.99 -3.04
N ASN A 185 -7.25 2.68 -4.06
CA ASN A 185 -8.23 2.06 -4.95
C ASN A 185 -7.73 1.82 -6.37
N GLY A 186 -6.41 1.85 -6.56
CA GLY A 186 -5.84 1.63 -7.87
C GLY A 186 -5.86 0.17 -8.29
N LEU A 187 -5.89 -0.73 -7.32
CA LEU A 187 -5.88 -2.16 -7.60
C LEU A 187 -4.56 -2.59 -8.24
N GLY A 188 -3.55 -1.73 -8.08
CA GLY A 188 -2.23 -1.99 -8.63
C GLY A 188 -1.63 -3.37 -8.34
N HIS A 189 -1.27 -3.65 -7.09
CA HIS A 189 -0.68 -4.94 -6.75
C HIS A 189 -1.51 -6.14 -7.17
N CYS A 190 -2.77 -5.88 -7.47
CA CYS A 190 -3.67 -6.95 -7.91
C CYS A 190 -3.39 -7.23 -9.38
N VAL A 191 -3.41 -6.17 -10.17
CA VAL A 191 -3.14 -6.21 -11.59
C VAL A 191 -1.74 -6.78 -11.82
N GLY A 192 -0.76 -6.12 -11.24
CA GLY A 192 0.62 -6.54 -11.37
C GLY A 192 0.84 -8.01 -11.04
N ALA A 193 0.25 -8.47 -9.97
CA ALA A 193 0.43 -9.86 -9.58
C ALA A 193 -0.38 -10.87 -10.40
N SER A 194 -1.45 -10.41 -11.04
CA SER A 194 -2.30 -11.31 -11.82
C SER A 194 -1.80 -11.55 -13.25
N LEU A 195 -0.67 -10.93 -13.59
CA LEU A 195 -0.07 -11.09 -14.92
C LEU A 195 0.83 -12.32 -14.98
N TRP A 196 0.97 -13.03 -13.87
CA TRP A 196 1.84 -14.19 -13.85
C TRP A 196 1.21 -15.49 -13.37
N PRO A 197 0.36 -16.12 -14.19
CA PRO A 197 -0.29 -17.38 -13.81
C PRO A 197 0.76 -18.46 -13.52
N LYS A 198 0.50 -19.33 -12.55
CA LYS A 198 1.49 -20.34 -12.23
C LYS A 198 1.72 -21.35 -13.35
N GLU A 199 0.71 -21.57 -14.18
CA GLU A 199 0.85 -22.51 -15.28
C GLU A 199 1.79 -21.98 -16.37
N GLN A 200 2.22 -20.74 -16.25
CA GLN A 200 3.11 -20.15 -17.24
C GLN A 200 4.36 -19.57 -16.61
N PHE A 201 4.31 -19.32 -15.31
CA PHE A 201 5.46 -18.78 -14.63
C PHE A 201 5.62 -19.46 -13.30
N ASN A 202 6.79 -19.26 -12.70
CA ASN A 202 7.14 -19.82 -11.40
C ASN A 202 7.69 -18.69 -10.54
N GLU A 203 6.85 -18.22 -9.60
CA GLU A 203 7.20 -17.13 -8.70
C GLU A 203 8.54 -17.36 -8.03
N ARG A 204 8.72 -18.57 -7.50
CA ARG A 204 9.96 -18.90 -6.82
C ARG A 204 11.18 -18.54 -7.69
N SER A 205 11.15 -18.98 -8.95
CA SER A 205 12.25 -18.72 -9.87
C SER A 205 12.29 -17.30 -10.43
N LEU A 206 11.15 -16.64 -10.52
CA LEU A 206 11.11 -15.29 -11.07
C LEU A 206 10.68 -14.24 -10.04
N PHE A 207 10.90 -14.53 -8.76
CA PHE A 207 10.51 -13.63 -7.68
C PHE A 207 10.84 -12.16 -7.87
N LEU A 208 12.12 -11.83 -8.07
CA LEU A 208 12.53 -10.44 -8.23
C LEU A 208 11.95 -9.76 -9.46
N GLU A 209 11.78 -10.52 -10.53
CA GLU A 209 11.23 -9.99 -11.77
C GLU A 209 9.77 -9.59 -11.53
N ILE A 210 9.03 -10.52 -10.95
CA ILE A 210 7.61 -10.34 -10.63
C ILE A 210 7.43 -9.21 -9.60
N THR A 211 8.06 -9.33 -8.45
CA THR A 211 7.99 -8.30 -7.43
C THR A 211 8.23 -6.92 -8.03
N SER A 212 9.28 -6.82 -8.83
CA SER A 212 9.64 -5.56 -9.47
C SER A 212 8.53 -5.07 -10.41
N ALA A 213 7.92 -6.00 -11.13
CA ALA A 213 6.84 -5.64 -12.05
C ALA A 213 5.68 -5.02 -11.28
N ILE A 214 5.27 -5.71 -10.21
CA ILE A 214 4.19 -5.26 -9.35
C ILE A 214 4.48 -3.83 -8.93
N ALA A 215 5.69 -3.63 -8.41
CA ALA A 215 6.13 -2.32 -7.94
C ALA A 215 6.02 -1.20 -8.98
N GLN A 216 6.47 -1.49 -10.19
CA GLN A 216 6.43 -0.48 -11.25
C GLN A 216 5.10 -0.42 -11.96
N MET A 217 4.49 -1.58 -12.16
CA MET A 217 3.22 -1.61 -12.85
C MET A 217 2.11 -0.89 -12.07
N GLU A 218 2.18 -0.95 -10.75
CA GLU A 218 1.18 -0.29 -9.93
C GLU A 218 1.07 1.18 -10.32
N ASN A 219 2.20 1.86 -10.42
CA ASN A 219 2.20 3.28 -10.78
C ASN A 219 1.93 3.55 -12.24
N TRP A 220 2.44 2.69 -13.10
CA TRP A 220 2.23 2.89 -14.54
C TRP A 220 0.76 2.78 -14.87
N MET A 221 0.19 1.63 -14.56
CA MET A 221 -1.20 1.35 -14.85
C MET A 221 -2.18 2.40 -14.30
N VAL A 222 -1.96 2.90 -13.08
CA VAL A 222 -2.87 3.91 -12.52
C VAL A 222 -2.72 5.29 -13.13
N TRP A 223 -1.47 5.68 -13.44
CA TRP A 223 -1.24 6.99 -14.03
C TRP A 223 -1.62 7.07 -15.50
N VAL A 224 -1.52 5.95 -16.18
CA VAL A 224 -1.89 5.92 -17.58
C VAL A 224 -3.41 6.01 -17.68
N ASN A 225 -4.10 5.38 -16.72
CA ASN A 225 -5.56 5.43 -16.71
C ASN A 225 -6.00 6.84 -16.33
N ASP A 226 -5.32 7.44 -15.36
CA ASP A 226 -5.65 8.81 -14.96
C ASP A 226 -5.45 9.76 -16.15
N LEU A 227 -4.43 9.48 -16.96
CA LEU A 227 -4.12 10.28 -18.13
C LEU A 227 -5.13 10.19 -19.27
N MET A 228 -5.55 8.97 -19.61
CA MET A 228 -6.52 8.79 -20.69
C MET A 228 -7.87 9.32 -20.26
N SER A 229 -8.19 9.11 -18.98
CA SER A 229 -9.46 9.56 -18.42
C SER A 229 -9.55 11.08 -18.25
N PHE A 230 -8.41 11.75 -18.34
CA PHE A 230 -8.36 13.19 -18.17
C PHE A 230 -9.23 13.94 -19.17
N TYR A 231 -9.60 13.30 -20.27
CA TYR A 231 -10.44 13.98 -21.27
C TYR A 231 -11.92 13.94 -20.91
N LYS A 232 -12.42 12.75 -20.58
CA LYS A 232 -13.83 12.58 -20.22
C LYS A 232 -14.17 13.30 -18.91
N GLU A 233 -13.26 13.23 -17.94
CA GLU A 233 -13.46 13.85 -16.64
C GLU A 233 -13.24 15.36 -16.58
N PHE A 234 -12.66 15.93 -17.62
CA PHE A 234 -12.38 17.36 -17.65
C PHE A 234 -13.56 18.19 -17.17
N ASP A 235 -14.70 18.03 -17.84
CA ASP A 235 -15.90 18.76 -17.52
C ASP A 235 -16.90 18.02 -16.64
N ASP A 236 -16.52 16.85 -16.15
CA ASP A 236 -17.41 16.06 -15.32
C ASP A 236 -17.56 16.60 -13.89
N GLU A 237 -18.57 17.44 -13.68
CA GLU A 237 -18.84 18.04 -12.38
C GLU A 237 -19.29 16.97 -11.39
N ARG A 238 -19.70 15.82 -11.91
CA ARG A 238 -20.11 14.73 -11.03
C ARG A 238 -18.90 14.22 -10.28
N ASP A 239 -17.92 13.66 -10.98
CA ASP A 239 -16.70 13.15 -10.30
C ASP A 239 -15.81 14.29 -9.81
N GLN A 240 -15.90 14.56 -8.52
CA GLN A 240 -15.15 15.63 -7.92
C GLN A 240 -13.76 15.28 -7.43
N ILE A 241 -13.53 14.03 -7.06
CA ILE A 241 -12.22 13.63 -6.56
C ILE A 241 -11.39 12.68 -7.44
N SER A 242 -10.56 13.25 -8.32
CA SER A 242 -9.69 12.46 -9.18
C SER A 242 -8.24 12.80 -8.81
N LEU A 243 -7.34 11.84 -8.94
CA LEU A 243 -5.93 12.06 -8.62
C LEU A 243 -5.45 13.45 -8.95
N VAL A 244 -5.77 13.91 -10.16
CA VAL A 244 -5.37 15.25 -10.57
C VAL A 244 -6.16 16.32 -9.82
N LYS A 245 -7.49 16.20 -9.76
CA LYS A 245 -8.28 17.20 -9.05
C LYS A 245 -7.88 17.31 -7.56
N ASN A 246 -7.34 16.21 -7.01
CA ASN A 246 -6.91 16.18 -5.64
C ASN A 246 -5.57 16.90 -5.51
N TYR A 247 -4.71 16.77 -6.53
CA TYR A 247 -3.42 17.45 -6.52
C TYR A 247 -3.72 18.96 -6.44
N VAL A 248 -4.73 19.39 -7.19
CA VAL A 248 -5.13 20.79 -7.20
C VAL A 248 -5.46 21.28 -5.78
N VAL A 249 -6.31 20.52 -5.09
CA VAL A 249 -6.74 20.88 -3.74
C VAL A 249 -5.73 20.62 -2.63
N SER A 250 -5.21 19.40 -2.60
CA SER A 250 -4.25 19.01 -1.58
C SER A 250 -2.92 19.76 -1.69
N ASP A 251 -2.39 19.86 -2.91
CA ASP A 251 -1.12 20.55 -3.15
C ASP A 251 -1.26 22.06 -3.31
N GLU A 252 -2.46 22.52 -3.68
CA GLU A 252 -2.73 23.94 -3.89
C GLU A 252 -1.96 24.44 -5.11
N ILE A 253 -2.29 23.90 -6.28
CA ILE A 253 -1.67 24.25 -7.54
C ILE A 253 -2.77 24.35 -8.60
N SER A 254 -2.44 24.87 -9.78
CA SER A 254 -3.44 25.01 -10.86
C SER A 254 -3.73 23.66 -11.45
N LEU A 255 -4.93 23.49 -11.99
CA LEU A 255 -5.30 22.22 -12.60
C LEU A 255 -4.22 21.85 -13.62
N HIS A 256 -3.69 22.89 -14.27
CA HIS A 256 -2.65 22.71 -15.27
C HIS A 256 -1.35 22.20 -14.66
N GLU A 257 -0.99 22.74 -13.50
CA GLU A 257 0.23 22.30 -12.84
C GLU A 257 0.13 20.83 -12.46
N ALA A 258 -1.04 20.44 -11.97
CA ALA A 258 -1.27 19.04 -11.57
C ALA A 258 -1.14 18.13 -12.77
N LEU A 259 -1.78 18.52 -13.88
CA LEU A 259 -1.72 17.75 -15.11
C LEU A 259 -0.25 17.60 -15.50
N GLU A 260 0.49 18.68 -15.30
CA GLU A 260 1.91 18.69 -15.60
C GLU A 260 2.62 17.67 -14.72
N LYS A 261 2.12 17.51 -13.49
CA LYS A 261 2.69 16.55 -12.55
C LYS A 261 2.45 15.11 -13.01
N LEU A 262 1.22 14.82 -13.40
CA LEU A 262 0.84 13.49 -13.87
C LEU A 262 1.68 13.05 -15.07
N THR A 263 1.75 13.92 -16.08
CA THR A 263 2.50 13.67 -17.30
C THR A 263 3.97 13.29 -17.03
N GLN A 264 4.63 14.06 -16.16
CA GLN A 264 6.03 13.80 -15.79
C GLN A 264 6.16 12.41 -15.19
N ASP A 265 5.26 12.09 -14.26
CA ASP A 265 5.29 10.80 -13.61
C ASP A 265 4.96 9.69 -14.61
N THR A 266 3.99 9.96 -15.48
CA THR A 266 3.58 8.96 -16.46
C THR A 266 4.67 8.63 -17.49
N LEU A 267 5.28 9.66 -18.06
CA LEU A 267 6.34 9.46 -19.05
C LEU A 267 7.54 8.79 -18.41
N HIS A 268 8.00 9.37 -17.31
CA HIS A 268 9.15 8.85 -16.58
C HIS A 268 8.88 7.39 -16.18
N SER A 269 7.66 7.10 -15.74
CA SER A 269 7.30 5.75 -15.35
C SER A 269 7.38 4.81 -16.55
N SER A 270 6.94 5.30 -17.71
CA SER A 270 6.98 4.51 -18.94
C SER A 270 8.41 4.18 -19.31
N LYS A 271 9.24 5.22 -19.37
CA LYS A 271 10.65 5.05 -19.72
C LYS A 271 11.33 3.97 -18.85
N GLN A 272 11.25 4.13 -17.53
CA GLN A 272 11.85 3.18 -16.62
C GLN A 272 11.31 1.77 -16.79
N MET A 273 10.09 1.65 -17.31
CA MET A 273 9.49 0.35 -17.53
C MET A 273 10.37 -0.44 -18.49
N VAL A 274 10.54 0.12 -19.68
CA VAL A 274 11.35 -0.51 -20.71
C VAL A 274 12.79 -0.64 -20.24
N ALA A 275 13.35 0.49 -19.80
CA ALA A 275 14.71 0.55 -19.31
C ALA A 275 15.04 -0.63 -18.39
N VAL A 276 14.07 -1.06 -17.60
CA VAL A 276 14.29 -2.14 -16.65
C VAL A 276 13.96 -3.54 -17.15
N PHE A 277 13.03 -3.66 -18.09
CA PHE A 277 12.65 -4.99 -18.54
C PHE A 277 13.09 -5.46 -19.91
N SER A 278 13.83 -4.63 -20.64
CA SER A 278 14.29 -5.02 -21.95
C SER A 278 15.20 -6.25 -21.93
N ASP A 279 16.26 -6.20 -21.13
CA ASP A 279 17.19 -7.32 -21.03
C ASP A 279 16.70 -8.49 -20.17
N LYS A 280 15.66 -8.28 -19.40
CA LYS A 280 15.13 -9.34 -18.54
C LYS A 280 14.52 -10.50 -19.33
N ASP A 281 14.27 -11.62 -18.65
CA ASP A 281 13.69 -12.80 -19.28
C ASP A 281 12.77 -12.40 -20.42
N PRO A 282 12.95 -12.99 -21.61
CA PRO A 282 12.11 -12.66 -22.77
C PRO A 282 10.62 -12.85 -22.50
N GLN A 283 10.27 -14.04 -22.01
CA GLN A 283 8.88 -14.42 -21.70
C GLN A 283 8.16 -13.40 -20.82
N VAL A 284 8.88 -12.88 -19.82
CA VAL A 284 8.36 -11.89 -18.90
C VAL A 284 8.12 -10.56 -19.63
N MET A 285 9.15 -10.05 -20.31
CA MET A 285 9.04 -8.78 -21.02
C MET A 285 7.89 -8.83 -22.03
N ASP A 286 7.56 -10.02 -22.50
CA ASP A 286 6.46 -10.14 -23.45
C ASP A 286 5.15 -9.82 -22.73
N THR A 287 4.94 -10.45 -21.57
CA THR A 287 3.74 -10.22 -20.76
C THR A 287 3.62 -8.73 -20.41
N ILE A 288 4.75 -8.09 -20.09
CA ILE A 288 4.75 -6.68 -19.75
C ILE A 288 4.45 -5.87 -20.99
N GLU A 289 5.29 -6.06 -22.01
CA GLU A 289 5.18 -5.37 -23.29
C GLU A 289 3.75 -5.45 -23.82
N CYS A 290 3.15 -6.63 -23.82
CA CYS A 290 1.80 -6.77 -24.32
C CYS A 290 0.78 -6.07 -23.43
N PHE A 291 0.89 -6.25 -22.12
CA PHE A 291 -0.04 -5.58 -21.23
C PHE A 291 -0.10 -4.09 -21.58
N MET A 292 1.02 -3.39 -21.51
CA MET A 292 1.04 -1.96 -21.83
C MET A 292 0.33 -1.57 -23.11
N HIS A 293 0.51 -2.38 -24.15
CA HIS A 293 -0.08 -2.11 -25.46
C HIS A 293 -1.60 -2.29 -25.51
N GLY A 294 -2.09 -3.46 -25.12
CA GLY A 294 -3.51 -3.69 -25.12
C GLY A 294 -4.23 -2.71 -24.21
N TYR A 295 -3.59 -2.38 -23.10
CA TYR A 295 -4.13 -1.44 -22.12
C TYR A 295 -4.46 -0.15 -22.84
N VAL A 296 -3.47 0.38 -23.55
CA VAL A 296 -3.63 1.60 -24.33
C VAL A 296 -4.65 1.37 -25.45
N THR A 297 -4.51 0.23 -26.13
CA THR A 297 -5.41 -0.16 -27.22
C THR A 297 -6.85 -0.10 -26.74
N TRP A 298 -7.04 -0.59 -25.52
CA TRP A 298 -8.35 -0.62 -24.87
C TRP A 298 -8.83 0.79 -24.58
N HIS A 299 -7.94 1.64 -24.07
CA HIS A 299 -8.32 3.01 -23.78
C HIS A 299 -8.74 3.72 -25.07
N LEU A 300 -7.96 3.48 -26.13
CA LEU A 300 -8.22 4.10 -27.42
C LEU A 300 -9.48 3.60 -28.08
N CYS A 301 -9.88 2.37 -27.73
CA CYS A 301 -11.05 1.73 -28.30
C CYS A 301 -12.35 1.68 -27.48
N ASP A 302 -12.29 1.82 -26.17
CA ASP A 302 -13.51 1.78 -25.39
C ASP A 302 -14.18 3.13 -25.45
N ARG A 303 -15.42 3.14 -25.92
CA ARG A 303 -16.21 4.36 -26.06
C ARG A 303 -16.31 5.21 -24.80
N ARG A 304 -16.23 4.58 -23.63
CA ARG A 304 -16.35 5.28 -22.37
C ARG A 304 -15.37 6.46 -22.21
N TYR A 305 -14.19 6.35 -22.83
CA TYR A 305 -13.19 7.39 -22.73
C TYR A 305 -13.37 8.50 -23.76
N ARG A 306 -14.20 8.22 -24.76
CA ARG A 306 -14.51 9.19 -25.79
C ARG A 306 -13.28 9.83 -26.42
N LEU A 307 -12.25 9.04 -26.65
CA LEU A 307 -11.04 9.58 -27.27
C LEU A 307 -11.25 9.74 -28.78
N SER A 308 -12.35 9.17 -29.28
CA SER A 308 -12.66 9.27 -30.71
C SER A 308 -13.09 10.70 -31.00
N GLU A 309 -13.58 11.38 -29.97
CA GLU A 309 -14.01 12.77 -30.11
C GLU A 309 -12.78 13.61 -30.49
N ILE A 310 -11.63 13.22 -29.95
CA ILE A 310 -10.37 13.91 -30.23
C ILE A 310 -9.92 13.63 -31.66
N TYR A 311 -9.92 12.35 -32.03
CA TYR A 311 -9.54 11.94 -33.37
C TYR A 311 -10.38 12.70 -34.40
N GLU A 312 -11.63 12.95 -34.03
CA GLU A 312 -12.57 13.66 -34.89
C GLU A 312 -12.31 15.16 -34.92
N LYS A 313 -11.37 15.62 -34.09
CA LYS A 313 -11.05 17.04 -34.01
C LYS A 313 -9.62 17.34 -34.44
N VAL A 314 -8.84 16.31 -34.74
CA VAL A 314 -7.46 16.52 -35.18
C VAL A 314 -7.09 15.62 -36.35
N LYS A 315 -8.09 14.97 -36.94
CA LYS A 315 -7.87 14.07 -38.06
C LYS A 315 -7.34 14.77 -39.31
N GLU A 316 -7.33 16.10 -39.30
CA GLU A 316 -6.84 16.82 -40.48
C GLU A 316 -5.71 17.80 -40.24
N GLU A 317 -5.47 18.21 -39.00
CA GLU A 317 -4.38 19.14 -38.75
C GLU A 317 -3.13 18.50 -39.36
N LYS A 318 -2.21 19.32 -39.85
CA LYS A 318 -0.99 18.78 -40.46
C LYS A 318 0.20 18.85 -39.49
N THR A 319 -0.08 18.90 -38.20
CA THR A 319 0.97 18.95 -37.19
C THR A 319 1.53 17.55 -36.96
N GLU A 320 2.80 17.48 -36.56
CA GLU A 320 3.43 16.18 -36.33
C GLU A 320 2.71 15.38 -35.25
N ASP A 321 2.38 16.03 -34.13
CA ASP A 321 1.68 15.35 -33.04
C ASP A 321 0.30 14.87 -33.50
N ALA A 322 -0.50 15.79 -34.03
CA ALA A 322 -1.84 15.48 -34.50
C ALA A 322 -1.91 14.28 -35.45
N GLN A 323 -0.95 14.16 -36.36
CA GLN A 323 -0.95 13.05 -37.30
C GLN A 323 -0.40 11.78 -36.66
N LYS A 324 0.60 11.95 -35.81
CA LYS A 324 1.20 10.82 -35.09
C LYS A 324 0.09 10.15 -34.28
N PHE A 325 -0.68 10.97 -33.58
CA PHE A 325 -1.80 10.52 -32.79
C PHE A 325 -2.71 9.64 -33.62
N CYS A 326 -3.28 10.21 -34.69
CA CYS A 326 -4.17 9.48 -35.59
C CYS A 326 -3.55 8.18 -36.07
N LYS A 327 -2.25 8.20 -36.33
CA LYS A 327 -1.55 7.02 -36.78
C LYS A 327 -1.81 5.92 -35.77
N PHE A 328 -1.40 6.20 -34.54
CA PHE A 328 -1.57 5.26 -33.43
C PHE A 328 -3.03 4.86 -33.26
N TYR A 329 -3.94 5.83 -33.35
CA TYR A 329 -5.36 5.56 -33.18
C TYR A 329 -5.88 4.57 -34.21
N GLU A 330 -5.63 4.87 -35.48
CA GLU A 330 -6.09 4.02 -36.56
C GLU A 330 -5.44 2.64 -36.45
N GLN A 331 -4.26 2.59 -35.83
CA GLN A 331 -3.58 1.32 -35.64
C GLN A 331 -4.41 0.53 -34.64
N ALA A 332 -4.72 1.19 -33.52
CA ALA A 332 -5.50 0.62 -32.43
C ALA A 332 -6.90 0.25 -32.90
N ALA A 333 -7.56 1.19 -33.56
CA ALA A 333 -8.89 0.96 -34.08
C ALA A 333 -8.81 -0.31 -34.93
N ASN A 334 -7.79 -0.35 -35.78
CA ASN A 334 -7.55 -1.45 -36.69
C ASN A 334 -7.65 -2.83 -36.01
N VAL A 335 -6.96 -2.97 -34.89
CA VAL A 335 -6.95 -4.24 -34.17
C VAL A 335 -8.05 -4.33 -33.09
N GLY A 336 -8.31 -3.20 -32.42
CA GLY A 336 -9.28 -3.17 -31.32
C GLY A 336 -10.75 -2.84 -31.51
N ALA A 337 -11.08 -1.93 -32.42
CA ALA A 337 -12.49 -1.57 -32.65
C ALA A 337 -13.34 -2.77 -33.07
N VAL A 338 -14.01 -3.41 -32.11
CA VAL A 338 -14.85 -4.57 -32.38
C VAL A 338 -16.28 -4.39 -31.87
N SER A 339 -17.26 -4.56 -32.76
CA SER A 339 -18.66 -4.42 -32.37
C SER A 339 -19.06 -5.42 -31.29
N PRO A 340 -19.71 -4.93 -30.23
CA PRO A 340 -20.14 -5.78 -29.12
C PRO A 340 -21.02 -6.93 -29.58
N SER A 341 -21.72 -6.71 -30.68
CA SER A 341 -22.60 -7.71 -31.25
C SER A 341 -21.84 -8.98 -31.59
N GLU A 342 -20.56 -8.81 -31.89
CA GLU A 342 -19.70 -9.92 -32.25
C GLU A 342 -19.29 -10.85 -31.11
N TRP A 343 -19.43 -10.41 -29.87
CA TRP A 343 -19.03 -11.24 -28.73
C TRP A 343 -19.90 -11.19 -27.47
N ALA A 344 -20.39 -10.00 -27.10
CA ALA A 344 -21.21 -9.85 -25.89
C ALA A 344 -22.67 -10.23 -26.10
N TYR A 345 -22.99 -11.51 -25.93
CA TYR A 345 -24.36 -11.99 -26.11
C TYR A 345 -24.49 -13.36 -25.49
N PRO A 346 -25.68 -13.68 -24.93
CA PRO A 346 -26.82 -12.78 -24.89
C PRO A 346 -26.64 -11.87 -23.68
N PRO A 347 -27.47 -10.82 -23.55
CA PRO A 347 -27.30 -9.95 -22.39
C PRO A 347 -27.51 -10.72 -21.07
N VAL A 348 -26.83 -10.28 -20.01
CA VAL A 348 -26.92 -10.92 -18.70
C VAL A 348 -28.37 -11.01 -18.22
N ALA A 349 -29.13 -9.94 -18.47
CA ALA A 349 -30.53 -9.86 -18.08
C ALA A 349 -31.32 -11.04 -18.64
N GLN A 350 -31.10 -11.36 -19.91
CA GLN A 350 -31.76 -12.46 -20.58
C GLN A 350 -31.34 -13.81 -19.98
N LEU A 351 -30.09 -13.92 -19.55
CA LEU A 351 -29.64 -15.15 -18.96
C LEU A 351 -30.27 -15.35 -17.58
N ALA A 352 -30.55 -14.24 -16.90
CA ALA A 352 -31.14 -14.26 -15.56
C ALA A 352 -32.59 -14.78 -15.48
N ASN A 353 -33.39 -14.52 -16.52
CA ASN A 353 -34.77 -15.02 -16.53
C ASN A 353 -34.85 -16.49 -16.89
N VAL A 354 -33.86 -16.96 -17.64
CA VAL A 354 -33.79 -18.36 -18.04
C VAL A 354 -33.56 -19.21 -16.76
N ASN B 3 32.23 1.57 7.22
CA ASN B 3 32.66 3.00 7.20
C ASN B 3 31.48 3.97 7.32
N PHE B 4 30.72 3.84 8.41
CA PHE B 4 29.57 4.70 8.66
C PHE B 4 29.95 6.17 8.50
N PRO B 5 29.31 6.88 7.55
CA PRO B 5 29.56 8.28 7.28
C PRO B 5 29.77 9.16 8.49
N THR B 6 29.04 8.89 9.57
CA THR B 6 29.15 9.69 10.77
C THR B 6 29.13 11.13 10.30
N GLU B 7 29.58 12.06 11.13
CA GLU B 7 29.59 13.48 10.77
C GLU B 7 28.27 13.87 10.11
N TYR B 8 28.15 13.55 8.82
CA TYR B 8 26.94 13.86 8.05
C TYR B 8 25.67 13.39 8.77
N PHE B 9 25.78 12.28 9.49
CA PHE B 9 24.67 11.72 10.24
C PHE B 9 24.12 12.83 11.13
N LEU B 10 25.04 13.56 11.77
CA LEU B 10 24.67 14.66 12.66
C LEU B 10 24.04 15.79 11.86
N ASN B 11 24.65 16.13 10.72
CA ASN B 11 24.17 17.20 9.84
C ASN B 11 22.71 16.96 9.47
N THR B 12 22.31 15.70 9.55
CA THR B 12 20.95 15.27 9.22
C THR B 12 20.08 15.37 10.46
N THR B 13 20.39 14.52 11.42
CA THR B 13 19.68 14.44 12.69
C THR B 13 19.35 15.82 13.25
N VAL B 14 20.35 16.70 13.26
CA VAL B 14 20.20 18.05 13.77
C VAL B 14 19.15 18.89 13.05
N ARG B 15 19.14 18.84 11.73
CA ARG B 15 18.15 19.61 10.98
C ARG B 15 16.76 19.15 11.40
N LEU B 16 16.54 17.83 11.38
CA LEU B 16 15.26 17.25 11.76
C LEU B 16 14.82 17.66 13.16
N LEU B 17 15.63 17.30 14.15
CA LEU B 17 15.31 17.62 15.53
C LEU B 17 15.08 19.11 15.77
N GLU B 18 16.00 19.93 15.27
CA GLU B 18 15.90 21.37 15.44
C GLU B 18 14.67 21.91 14.73
N TYR B 19 14.36 21.33 13.57
CA TYR B 19 13.20 21.78 12.79
C TYR B 19 11.86 21.36 13.36
N ILE B 20 11.78 20.14 13.89
CA ILE B 20 10.56 19.65 14.48
C ILE B 20 10.51 20.18 15.90
N ARG B 21 11.57 20.92 16.27
CA ARG B 21 11.70 21.50 17.60
C ARG B 21 11.45 20.40 18.62
N TYR B 22 12.23 19.34 18.52
CA TYR B 22 12.13 18.19 19.42
C TYR B 22 12.04 18.63 20.88
N ARG B 23 11.05 18.10 21.60
CA ARG B 23 10.89 18.47 23.00
C ARG B 23 9.90 17.56 23.72
N ASP B 24 10.28 16.32 24.02
CA ASP B 24 9.35 15.42 24.70
C ASP B 24 8.93 15.99 26.04
N SER B 25 7.65 16.35 26.14
CA SER B 25 7.09 16.92 27.34
C SER B 25 6.02 16.02 27.96
N ASN B 26 5.54 15.04 27.20
CA ASN B 26 4.51 14.14 27.71
C ASN B 26 5.03 13.30 28.87
N TYR B 27 4.11 12.93 29.77
CA TYR B 27 4.43 12.13 30.96
C TYR B 27 5.25 12.83 32.06
N THR B 28 5.40 12.12 33.17
CA THR B 28 6.17 12.57 34.32
C THR B 28 6.86 11.28 34.71
N ARG B 29 8.09 11.36 35.21
CA ARG B 29 8.79 10.12 35.56
C ARG B 29 7.89 9.14 36.32
N GLU B 30 7.01 9.67 37.16
CA GLU B 30 6.08 8.87 37.96
C GLU B 30 4.89 8.34 37.16
N GLU B 31 4.76 8.74 35.90
CA GLU B 31 3.67 8.24 35.08
C GLU B 31 4.29 7.25 34.11
N ARG B 32 5.40 7.68 33.51
CA ARG B 32 6.13 6.89 32.54
C ARG B 32 6.34 5.47 33.02
N ILE B 33 6.84 5.33 34.24
CA ILE B 33 7.06 4.01 34.78
C ILE B 33 5.76 3.22 35.00
N GLU B 34 4.70 3.89 35.46
CA GLU B 34 3.43 3.20 35.67
C GLU B 34 3.02 2.46 34.40
N ASN B 35 3.19 3.12 33.26
CA ASN B 35 2.81 2.56 31.99
C ASN B 35 3.79 1.52 31.45
N LEU B 36 5.09 1.76 31.61
CA LEU B 36 6.07 0.79 31.14
C LEU B 36 5.80 -0.54 31.87
N HIS B 37 5.57 -0.47 33.18
CA HIS B 37 5.34 -1.68 33.93
C HIS B 37 4.02 -2.35 33.62
N TYR B 38 2.96 -1.57 33.42
CA TYR B 38 1.66 -2.17 33.15
C TYR B 38 1.69 -2.97 31.86
N ALA B 39 2.24 -2.34 30.81
CA ALA B 39 2.36 -2.92 29.49
C ALA B 39 3.28 -4.14 29.51
N TYR B 40 4.45 -3.97 30.08
CA TYR B 40 5.39 -5.07 30.14
C TYR B 40 4.77 -6.26 30.88
N ASN B 41 4.04 -5.98 31.95
CA ASN B 41 3.45 -7.04 32.75
C ASN B 41 2.49 -7.91 31.98
N LYS B 42 1.55 -7.31 31.26
CA LYS B 42 0.60 -8.14 30.52
C LYS B 42 1.26 -8.90 29.37
N ALA B 43 2.02 -8.18 28.55
CA ALA B 43 2.70 -8.78 27.40
C ALA B 43 3.59 -9.93 27.83
N ALA B 44 4.38 -9.72 28.86
CA ALA B 44 5.27 -10.76 29.37
C ALA B 44 4.52 -11.98 29.88
N HIS B 45 3.33 -11.79 30.44
CA HIS B 45 2.53 -12.92 30.94
C HIS B 45 1.97 -13.70 29.76
N HIS B 46 1.62 -12.96 28.71
CA HIS B 46 1.08 -13.51 27.47
C HIS B 46 2.11 -14.35 26.74
N PHE B 47 3.23 -13.73 26.37
CA PHE B 47 4.30 -14.42 25.67
C PHE B 47 4.96 -15.50 26.50
N ALA B 48 4.45 -15.75 27.70
CA ALA B 48 5.05 -16.75 28.56
C ALA B 48 4.19 -17.98 28.67
N GLN B 49 3.03 -17.96 28.02
CA GLN B 49 2.15 -19.11 28.07
C GLN B 49 2.71 -20.23 27.20
N PRO B 50 2.34 -21.49 27.50
CA PRO B 50 2.83 -22.62 26.72
C PRO B 50 2.53 -22.58 25.21
N ARG B 51 1.30 -22.28 24.84
CA ARG B 51 0.94 -22.23 23.43
C ARG B 51 1.79 -21.22 22.67
N GLN B 52 1.98 -20.06 23.27
CA GLN B 52 2.78 -19.00 22.65
C GLN B 52 4.22 -19.45 22.60
N GLN B 53 4.70 -19.95 23.73
CA GLN B 53 6.05 -20.44 23.88
C GLN B 53 6.40 -21.53 22.87
N GLN B 54 5.46 -22.44 22.62
CA GLN B 54 5.72 -23.52 21.69
C GLN B 54 5.56 -23.18 20.21
N LEU B 55 4.79 -22.15 19.87
CA LEU B 55 4.59 -21.82 18.46
C LEU B 55 5.44 -20.68 17.93
N LEU B 56 5.80 -19.75 18.80
CA LEU B 56 6.61 -18.63 18.37
C LEU B 56 8.05 -19.07 18.48
N LYS B 57 8.69 -19.27 17.34
CA LYS B 57 10.09 -19.70 17.34
C LYS B 57 10.99 -18.49 17.45
N VAL B 58 11.41 -18.19 18.69
CA VAL B 58 12.30 -17.06 18.93
C VAL B 58 13.26 -17.36 20.08
N ASP B 59 14.51 -16.97 19.91
CA ASP B 59 15.51 -17.18 20.95
C ASP B 59 15.09 -16.35 22.17
N PRO B 60 14.77 -17.03 23.29
CA PRO B 60 14.35 -16.34 24.52
C PRO B 60 14.94 -14.94 24.70
N LYS B 61 16.25 -14.81 24.54
CA LYS B 61 16.91 -13.53 24.71
C LYS B 61 16.38 -12.44 23.77
N ARG B 62 16.16 -12.77 22.51
CA ARG B 62 15.64 -11.79 21.54
C ARG B 62 14.17 -11.42 21.82
N LEU B 63 13.38 -12.41 22.26
CA LEU B 63 11.98 -12.15 22.57
C LEU B 63 11.90 -11.10 23.65
N GLN B 64 12.75 -11.26 24.66
CA GLN B 64 12.84 -10.37 25.81
C GLN B 64 13.28 -8.97 25.41
N ALA B 65 14.30 -8.87 24.60
CA ALA B 65 14.82 -7.58 24.15
C ALA B 65 13.79 -6.86 23.30
N SER B 66 13.06 -7.62 22.49
CA SER B 66 12.05 -7.06 21.62
C SER B 66 10.83 -6.57 22.38
N LEU B 67 10.35 -7.41 23.30
CA LEU B 67 9.21 -7.06 24.14
C LEU B 67 9.50 -5.73 24.83
N GLN B 68 10.74 -5.54 25.27
CA GLN B 68 11.11 -4.32 25.96
C GLN B 68 11.22 -3.13 25.04
N THR B 69 11.69 -3.34 23.82
CA THR B 69 11.81 -2.23 22.88
C THR B 69 10.43 -1.82 22.41
N ILE B 70 9.51 -2.79 22.37
CA ILE B 70 8.16 -2.52 21.94
C ILE B 70 7.36 -1.79 23.01
N VAL B 71 7.39 -2.32 24.24
CA VAL B 71 6.65 -1.66 25.32
C VAL B 71 7.15 -0.23 25.38
N GLY B 72 8.45 -0.06 25.19
CA GLY B 72 9.04 1.26 25.21
C GLY B 72 8.49 2.15 24.12
N MET B 73 8.31 1.58 22.93
CA MET B 73 7.79 2.32 21.78
C MET B 73 6.31 2.69 21.95
N VAL B 74 5.50 1.70 22.31
CA VAL B 74 4.07 1.94 22.48
C VAL B 74 3.83 3.03 23.53
N VAL B 75 4.37 2.79 24.71
CA VAL B 75 4.23 3.71 25.84
C VAL B 75 4.73 5.13 25.58
N TYR B 76 5.91 5.28 24.99
CA TYR B 76 6.44 6.62 24.73
C TYR B 76 5.77 7.39 23.60
N SER B 77 5.15 6.68 22.67
CA SER B 77 4.52 7.33 21.52
C SER B 77 3.00 7.41 21.57
N TRP B 78 2.36 6.42 22.18
CA TRP B 78 0.90 6.39 22.30
C TRP B 78 0.54 6.90 23.69
N ALA B 79 1.14 8.01 24.09
CA ALA B 79 0.96 8.60 25.43
C ALA B 79 -0.46 8.95 25.87
N LYS B 80 -1.41 9.00 24.95
CA LYS B 80 -2.78 9.37 25.29
C LYS B 80 -3.80 8.22 25.27
N VAL B 81 -3.36 6.99 25.08
CA VAL B 81 -4.32 5.88 25.06
C VAL B 81 -4.44 5.24 26.44
N SER B 82 -5.42 4.35 26.62
CA SER B 82 -5.58 3.71 27.91
C SER B 82 -4.39 2.79 28.23
N LYS B 83 -4.34 2.31 29.46
CA LYS B 83 -3.24 1.43 29.86
C LYS B 83 -3.43 0.08 29.17
N GLU B 84 -4.64 -0.44 29.22
CA GLU B 84 -4.91 -1.72 28.58
C GLU B 84 -4.54 -1.66 27.10
N CYS B 85 -4.92 -0.57 26.45
CA CYS B 85 -4.63 -0.37 25.03
C CYS B 85 -3.15 -0.47 24.69
N MET B 86 -2.31 0.13 25.52
CA MET B 86 -0.86 0.08 25.30
C MET B 86 -0.37 -1.35 25.38
N ALA B 87 -0.84 -2.06 26.39
CA ALA B 87 -0.48 -3.46 26.61
C ALA B 87 -0.83 -4.32 25.40
N ASP B 88 -2.08 -4.24 24.95
CA ASP B 88 -2.50 -5.02 23.80
C ASP B 88 -1.77 -4.59 22.52
N LEU B 89 -1.52 -3.30 22.37
CA LEU B 89 -0.76 -2.85 21.20
C LEU B 89 0.67 -3.39 21.32
N SER B 90 1.16 -3.45 22.55
CA SER B 90 2.51 -3.96 22.76
C SER B 90 2.63 -5.42 22.40
N ILE B 91 1.54 -6.17 22.51
CA ILE B 91 1.62 -7.58 22.15
C ILE B 91 1.66 -7.68 20.61
N HIS B 92 0.79 -6.91 19.96
CA HIS B 92 0.73 -6.93 18.51
C HIS B 92 2.03 -6.50 17.89
N TYR B 93 2.64 -5.46 18.42
CA TYR B 93 3.88 -4.96 17.86
C TYR B 93 5.08 -5.81 18.24
N THR B 94 4.97 -6.57 19.33
CA THR B 94 6.08 -7.42 19.71
C THR B 94 6.12 -8.58 18.71
N TYR B 95 4.95 -9.02 18.25
CA TYR B 95 4.84 -10.10 17.26
C TYR B 95 5.47 -9.68 15.95
N THR B 96 5.11 -8.49 15.49
CA THR B 96 5.66 -7.98 14.24
C THR B 96 7.17 -7.79 14.29
N LEU B 97 7.69 -7.46 15.46
CA LEU B 97 9.13 -7.25 15.58
C LEU B 97 9.91 -8.55 15.51
N VAL B 98 9.26 -9.62 15.97
CA VAL B 98 9.87 -10.94 15.93
C VAL B 98 10.08 -11.32 14.46
N LEU B 99 9.03 -11.15 13.66
CA LEU B 99 9.08 -11.47 12.25
C LEU B 99 10.06 -10.58 11.48
N ASP B 100 10.09 -9.29 11.82
CA ASP B 100 10.95 -8.31 11.16
C ASP B 100 12.42 -8.70 11.21
N ASP B 101 12.81 -9.36 12.29
CA ASP B 101 14.20 -9.76 12.46
C ASP B 101 14.44 -11.23 12.14
N SER B 102 13.42 -11.95 11.68
CA SER B 102 13.63 -13.37 11.41
C SER B 102 13.70 -13.79 9.95
N LYS B 103 14.21 -15.02 9.76
CA LYS B 103 14.35 -15.64 8.46
C LYS B 103 13.14 -16.58 8.30
N ASP B 104 13.38 -17.76 7.75
CA ASP B 104 12.34 -18.76 7.54
C ASP B 104 11.46 -18.45 6.31
N ASP B 105 11.27 -19.45 5.44
CA ASP B 105 10.47 -19.27 4.25
C ASP B 105 8.98 -19.49 4.47
N PRO B 106 8.16 -18.49 4.16
CA PRO B 106 6.70 -18.44 4.28
C PRO B 106 6.01 -19.30 3.24
N TYR B 107 6.56 -19.28 2.03
CA TYR B 107 5.99 -20.02 0.90
C TYR B 107 5.24 -21.33 1.19
N PRO B 108 5.94 -22.33 1.72
CA PRO B 108 5.31 -23.63 2.04
C PRO B 108 4.03 -23.54 2.85
N THR B 109 4.01 -22.67 3.86
CA THR B 109 2.84 -22.51 4.73
C THR B 109 1.78 -21.53 4.26
N MET B 110 2.11 -20.71 3.26
CA MET B 110 1.18 -19.73 2.71
C MET B 110 0.44 -20.20 1.47
N VAL B 111 0.62 -21.48 1.11
CA VAL B 111 0.00 -22.06 -0.09
C VAL B 111 -1.52 -22.23 -0.06
N ASN B 112 -2.08 -22.41 1.13
CA ASN B 112 -3.53 -22.56 1.30
C ASN B 112 -4.08 -21.47 2.19
N TYR B 113 -3.37 -20.35 2.23
CA TYR B 113 -3.75 -19.22 3.06
C TYR B 113 -5.22 -18.85 2.96
N PHE B 114 -5.65 -18.41 1.78
CA PHE B 114 -7.03 -18.01 1.59
C PHE B 114 -8.10 -19.09 1.73
N ASP B 115 -7.75 -20.35 1.63
CA ASP B 115 -8.78 -21.35 1.76
C ASP B 115 -9.05 -21.62 3.22
N ASP B 116 -7.97 -21.71 3.99
CA ASP B 116 -8.08 -21.96 5.41
C ASP B 116 -8.76 -20.74 6.03
N LEU B 117 -8.45 -19.56 5.50
CA LEU B 117 -9.04 -18.34 5.99
C LEU B 117 -10.57 -18.38 5.86
N GLN B 118 -11.04 -18.49 4.63
CA GLN B 118 -12.46 -18.52 4.32
C GLN B 118 -13.24 -19.65 5.01
N ALA B 119 -12.54 -20.67 5.50
CA ALA B 119 -13.19 -21.81 6.13
C ALA B 119 -13.07 -21.81 7.65
N GLY B 120 -12.22 -20.93 8.17
CA GLY B 120 -12.03 -20.86 9.60
C GLY B 120 -11.17 -22.01 10.10
N ARG B 121 -9.98 -22.13 9.53
CA ARG B 121 -9.06 -23.17 9.93
C ARG B 121 -7.73 -22.49 10.24
N GLU B 122 -7.18 -22.78 11.43
CA GLU B 122 -5.92 -22.20 11.85
C GLU B 122 -4.91 -22.16 10.72
N GLN B 123 -4.25 -21.01 10.55
CA GLN B 123 -3.26 -20.86 9.50
C GLN B 123 -2.07 -21.82 9.65
N ALA B 124 -1.54 -22.27 8.51
CA ALA B 124 -0.40 -23.19 8.50
C ALA B 124 0.79 -22.49 9.14
N HIS B 125 0.96 -21.21 8.84
CA HIS B 125 2.08 -20.47 9.41
C HIS B 125 1.81 -20.19 10.89
N PRO B 126 2.75 -20.60 11.77
CA PRO B 126 2.60 -20.40 13.21
C PRO B 126 2.38 -18.93 13.58
N TRP B 127 3.09 -18.04 12.90
CA TRP B 127 2.94 -16.62 13.16
C TRP B 127 1.46 -16.24 12.97
N TRP B 128 0.95 -16.43 11.75
CA TRP B 128 -0.44 -16.11 11.49
C TRP B 128 -1.37 -16.73 12.51
N ALA B 129 -1.11 -17.98 12.89
CA ALA B 129 -1.95 -18.67 13.86
C ALA B 129 -2.03 -17.91 15.20
N LEU B 130 -0.90 -17.40 15.69
CA LEU B 130 -0.90 -16.67 16.95
C LEU B 130 -1.40 -15.20 16.84
N VAL B 131 -0.97 -14.51 15.79
CA VAL B 131 -1.38 -13.13 15.59
C VAL B 131 -2.88 -13.00 15.33
N ASN B 132 -3.42 -13.88 14.49
CA ASN B 132 -4.85 -13.83 14.19
C ASN B 132 -5.71 -14.23 15.37
N GLU B 133 -5.14 -14.98 16.29
CA GLU B 133 -5.85 -15.42 17.48
C GLU B 133 -5.88 -14.30 18.50
N HIS B 134 -4.80 -13.53 18.56
CA HIS B 134 -4.69 -12.45 19.50
C HIS B 134 -5.35 -11.16 19.01
N PHE B 135 -5.28 -10.91 17.70
CA PHE B 135 -5.84 -9.70 17.11
C PHE B 135 -7.06 -9.07 17.80
N PRO B 136 -8.09 -9.87 18.11
CA PRO B 136 -9.30 -9.37 18.76
C PRO B 136 -9.05 -8.50 20.00
N ASN B 137 -7.97 -8.74 20.71
CA ASN B 137 -7.70 -7.94 21.90
C ASN B 137 -7.14 -6.59 21.56
N VAL B 138 -6.73 -6.41 20.30
CA VAL B 138 -6.21 -5.14 19.85
C VAL B 138 -7.41 -4.41 19.26
N LEU B 139 -8.10 -5.13 18.38
CA LEU B 139 -9.26 -4.59 17.68
C LEU B 139 -10.41 -4.07 18.52
N ARG B 140 -10.58 -4.64 19.71
CA ARG B 140 -11.66 -4.20 20.58
C ARG B 140 -11.55 -2.73 20.94
N HIS B 141 -10.32 -2.22 20.94
CA HIS B 141 -10.06 -0.82 21.27
C HIS B 141 -10.43 0.12 20.13
N PHE B 142 -10.76 -0.44 18.98
CA PHE B 142 -11.05 0.41 17.83
C PHE B 142 -12.40 0.22 17.15
N GLY B 143 -12.78 1.22 16.38
CA GLY B 143 -14.00 1.15 15.60
C GLY B 143 -13.68 0.33 14.38
N PRO B 144 -14.67 0.03 13.52
CA PRO B 144 -14.44 -0.77 12.31
C PRO B 144 -13.38 -0.26 11.34
N PHE B 145 -13.51 1.00 10.91
CA PHE B 145 -12.56 1.58 9.96
C PHE B 145 -11.09 1.46 10.41
N CYS B 146 -10.77 2.02 11.57
CA CYS B 146 -9.41 1.92 12.08
C CYS B 146 -8.96 0.45 12.14
N SER B 147 -9.90 -0.46 12.34
CA SER B 147 -9.58 -1.88 12.41
C SER B 147 -9.13 -2.40 11.05
N LEU B 148 -9.88 -2.04 10.02
CA LEU B 148 -9.54 -2.46 8.67
C LEU B 148 -8.10 -2.06 8.39
N ASN B 149 -7.78 -0.82 8.74
CA ASN B 149 -6.44 -0.32 8.54
C ASN B 149 -5.42 -1.16 9.26
N LEU B 150 -5.68 -1.48 10.52
CA LEU B 150 -4.74 -2.30 11.29
C LEU B 150 -4.53 -3.66 10.60
N ILE B 151 -5.63 -4.31 10.24
CA ILE B 151 -5.57 -5.62 9.60
C ILE B 151 -4.78 -5.61 8.30
N ARG B 152 -5.19 -4.75 7.36
CA ARG B 152 -4.50 -4.64 6.08
C ARG B 152 -3.00 -4.47 6.26
N SER B 153 -2.63 -3.43 7.00
CA SER B 153 -1.24 -3.09 7.28
C SER B 153 -0.45 -4.24 7.84
N THR B 154 -0.99 -4.94 8.82
CA THR B 154 -0.31 -6.08 9.40
C THR B 154 -0.06 -7.10 8.27
N LEU B 155 -1.07 -7.28 7.42
CA LEU B 155 -0.98 -8.17 6.25
C LEU B 155 0.13 -7.74 5.25
N ASP B 156 0.12 -6.46 4.88
CA ASP B 156 1.12 -5.91 3.97
C ASP B 156 2.52 -6.17 4.56
N PHE B 157 2.67 -5.79 5.82
CA PHE B 157 3.91 -5.94 6.54
C PHE B 157 4.41 -7.38 6.44
N PHE B 158 3.48 -8.32 6.38
CA PHE B 158 3.84 -9.72 6.27
C PHE B 158 4.47 -9.99 4.92
N GLU B 159 3.92 -9.37 3.89
CA GLU B 159 4.48 -9.55 2.55
C GLU B 159 5.88 -8.94 2.55
N GLY B 160 5.95 -7.68 2.98
CA GLY B 160 7.24 -6.99 3.03
C GLY B 160 8.37 -7.82 3.60
N CYS B 161 8.17 -8.42 4.77
CA CYS B 161 9.20 -9.26 5.40
C CYS B 161 9.60 -10.41 4.49
N TRP B 162 8.61 -10.93 3.78
CA TRP B 162 8.80 -12.03 2.85
C TRP B 162 9.73 -11.53 1.72
N ILE B 163 9.30 -10.47 1.04
CA ILE B 163 10.08 -9.89 -0.03
C ILE B 163 11.50 -9.63 0.48
N GLU B 164 11.60 -9.09 1.68
CA GLU B 164 12.90 -8.78 2.28
C GLU B 164 13.85 -9.99 2.41
N GLN B 165 13.29 -11.19 2.49
CA GLN B 165 14.12 -12.37 2.66
C GLN B 165 14.90 -12.81 1.44
N TYR B 166 14.97 -11.94 0.43
CA TYR B 166 15.70 -12.22 -0.80
C TYR B 166 16.80 -11.16 -0.91
N ASN B 167 16.95 -10.40 0.16
CA ASN B 167 17.92 -9.31 0.23
C ASN B 167 18.14 -8.73 -1.17
N PHE B 168 17.06 -8.22 -1.76
CA PHE B 168 17.06 -7.61 -3.09
C PHE B 168 16.78 -6.12 -2.96
N GLY B 169 17.63 -5.31 -3.58
CA GLY B 169 17.46 -3.87 -3.48
C GLY B 169 16.86 -3.25 -4.71
N GLY B 170 16.44 -4.10 -5.65
CA GLY B 170 15.84 -3.60 -6.87
C GLY B 170 16.75 -3.37 -8.08
N PHE B 171 16.31 -3.85 -9.24
CA PHE B 171 17.07 -3.68 -10.48
C PHE B 171 17.36 -2.20 -10.69
N PRO B 172 18.64 -1.85 -10.96
CA PRO B 172 19.00 -0.45 -11.18
C PRO B 172 18.09 0.22 -12.19
N GLY B 173 17.45 1.31 -11.75
CA GLY B 173 16.56 2.04 -12.62
C GLY B 173 15.11 1.72 -12.32
N SER B 174 14.89 0.93 -11.27
CA SER B 174 13.55 0.55 -10.83
C SER B 174 13.18 1.59 -9.76
N HIS B 175 13.25 2.86 -10.15
CA HIS B 175 12.96 3.99 -9.27
C HIS B 175 11.81 3.79 -8.28
N ASP B 176 10.76 3.09 -8.72
CA ASP B 176 9.59 2.81 -7.88
C ASP B 176 9.85 1.84 -6.74
N TYR B 177 10.56 0.75 -7.01
CA TYR B 177 10.86 -0.27 -6.02
C TYR B 177 11.09 0.18 -4.57
N PRO B 178 12.08 1.06 -4.32
CA PRO B 178 12.41 1.56 -2.98
C PRO B 178 11.21 1.84 -2.07
N GLN B 179 10.44 2.88 -2.40
CA GLN B 179 9.27 3.23 -1.61
C GLN B 179 8.22 2.12 -1.63
N PHE B 180 8.13 1.40 -2.75
CA PHE B 180 7.21 0.30 -2.87
C PHE B 180 7.45 -0.62 -1.67
N LEU B 181 8.71 -1.04 -1.51
CA LEU B 181 9.08 -1.94 -0.43
C LEU B 181 8.99 -1.32 0.96
N ARG B 182 9.40 -0.06 1.09
CA ARG B 182 9.37 0.58 2.41
C ARG B 182 7.96 0.73 2.96
N ARG B 183 7.04 1.09 2.06
CA ARG B 183 5.65 1.26 2.41
C ARG B 183 5.06 -0.06 2.87
N MET B 184 5.44 -1.12 2.19
CA MET B 184 4.95 -2.45 2.49
C MET B 184 5.37 -3.01 3.85
N ASN B 185 6.49 -2.55 4.39
CA ASN B 185 6.95 -3.09 5.66
C ASN B 185 7.01 -2.09 6.80
N GLY B 186 6.54 -0.86 6.55
CA GLY B 186 6.56 0.16 7.57
C GLY B 186 5.38 0.23 8.52
N LEU B 187 4.42 -0.69 8.40
CA LEU B 187 3.24 -0.70 9.27
C LEU B 187 2.60 0.68 9.40
N GLY B 188 2.71 1.49 8.35
CA GLY B 188 2.17 2.82 8.36
C GLY B 188 0.73 2.99 8.81
N HIS B 189 -0.19 2.40 8.07
CA HIS B 189 -1.61 2.50 8.38
C HIS B 189 -1.97 1.76 9.67
N CYS B 190 -1.07 0.94 10.15
CA CYS B 190 -1.34 0.21 11.39
C CYS B 190 -1.02 1.14 12.57
N VAL B 191 0.09 1.87 12.47
CA VAL B 191 0.47 2.80 13.52
C VAL B 191 -0.51 3.97 13.54
N GLY B 192 -0.70 4.56 12.37
CA GLY B 192 -1.59 5.70 12.26
C GLY B 192 -2.99 5.45 12.75
N ALA B 193 -3.52 4.26 12.50
CA ALA B 193 -4.88 3.97 12.92
C ALA B 193 -4.96 3.61 14.39
N SER B 194 -3.96 2.91 14.91
CA SER B 194 -3.99 2.50 16.32
C SER B 194 -3.83 3.69 17.26
N LEU B 195 -3.68 4.89 16.69
CA LEU B 195 -3.54 6.12 17.45
C LEU B 195 -4.90 6.68 17.86
N TRP B 196 -5.97 6.01 17.45
CA TRP B 196 -7.31 6.52 17.75
C TRP B 196 -8.31 5.57 18.39
N PRO B 197 -8.14 5.25 19.69
CA PRO B 197 -9.05 4.36 20.40
C PRO B 197 -10.48 4.91 20.40
N LYS B 198 -11.48 4.04 20.34
CA LYS B 198 -12.86 4.51 20.29
C LYS B 198 -13.35 5.04 21.63
N GLU B 199 -12.67 4.65 22.70
CA GLU B 199 -13.05 5.11 24.02
C GLU B 199 -12.71 6.61 24.10
N GLN B 200 -11.80 7.04 23.23
CA GLN B 200 -11.35 8.44 23.20
C GLN B 200 -11.65 9.19 21.90
N PHE B 201 -12.01 8.49 20.82
CA PHE B 201 -12.32 9.16 19.56
C PHE B 201 -13.50 8.55 18.86
N ASN B 202 -14.16 9.35 18.04
CA ASN B 202 -15.30 8.86 17.29
C ASN B 202 -14.97 8.82 15.81
N GLU B 203 -14.57 7.63 15.37
CA GLU B 203 -14.23 7.32 14.00
C GLU B 203 -15.09 8.08 12.97
N ARG B 204 -16.41 8.02 13.13
CA ARG B 204 -17.33 8.68 12.20
C ARG B 204 -17.28 10.21 12.29
N SER B 205 -17.04 10.74 13.49
CA SER B 205 -16.99 12.18 13.68
C SER B 205 -15.66 12.77 13.19
N LEU B 206 -14.60 11.99 13.30
CA LEU B 206 -13.29 12.43 12.90
C LEU B 206 -12.72 11.59 11.76
N PHE B 207 -13.60 11.10 10.89
CA PHE B 207 -13.18 10.28 9.75
C PHE B 207 -12.11 11.00 8.89
N LEU B 208 -12.39 12.23 8.50
CA LEU B 208 -11.48 12.98 7.67
C LEU B 208 -10.14 13.27 8.31
N GLU B 209 -10.14 13.64 9.58
CA GLU B 209 -8.85 13.91 10.20
C GLU B 209 -8.07 12.63 10.39
N ILE B 210 -8.76 11.56 10.80
CA ILE B 210 -8.08 10.28 11.01
C ILE B 210 -7.51 9.70 9.71
N THR B 211 -8.24 9.85 8.61
CA THR B 211 -7.76 9.34 7.34
C THR B 211 -6.53 10.15 6.90
N SER B 212 -6.61 11.46 7.08
CA SER B 212 -5.51 12.34 6.71
C SER B 212 -4.30 12.01 7.58
N ALA B 213 -4.54 11.72 8.84
CA ALA B 213 -3.45 11.38 9.72
C ALA B 213 -2.78 10.09 9.24
N ILE B 214 -3.57 9.11 8.84
CA ILE B 214 -3.02 7.85 8.35
C ILE B 214 -2.14 8.07 7.12
N ALA B 215 -2.63 8.86 6.18
CA ALA B 215 -1.89 9.12 4.95
C ALA B 215 -0.59 9.89 5.16
N GLN B 216 -0.63 10.90 6.01
CA GLN B 216 0.54 11.71 6.27
C GLN B 216 1.52 11.08 7.25
N MET B 217 0.98 10.53 8.33
CA MET B 217 1.83 9.92 9.34
C MET B 217 2.57 8.70 8.83
N GLU B 218 2.03 8.05 7.79
CA GLU B 218 2.68 6.86 7.26
C GLU B 218 4.12 7.19 6.85
N ASN B 219 4.29 8.24 6.04
CA ASN B 219 5.62 8.61 5.58
C ASN B 219 6.48 9.25 6.66
N TRP B 220 5.91 10.09 7.51
CA TRP B 220 6.70 10.71 8.56
C TRP B 220 7.26 9.60 9.42
N MET B 221 6.37 8.83 10.01
CA MET B 221 6.75 7.73 10.87
C MET B 221 7.89 6.87 10.31
N VAL B 222 7.75 6.42 9.07
CA VAL B 222 8.77 5.56 8.47
C VAL B 222 10.10 6.22 8.10
N TRP B 223 10.07 7.44 7.59
CA TRP B 223 11.31 8.12 7.21
C TRP B 223 12.13 8.48 8.43
N VAL B 224 11.46 8.92 9.49
CA VAL B 224 12.13 9.26 10.73
C VAL B 224 12.88 8.03 11.23
N ASN B 225 12.30 6.84 11.03
CA ASN B 225 12.99 5.64 11.45
C ASN B 225 14.10 5.32 10.47
N ASP B 226 13.83 5.51 9.19
CA ASP B 226 14.83 5.24 8.17
C ASP B 226 16.07 6.06 8.46
N LEU B 227 15.86 7.21 9.07
CA LEU B 227 16.94 8.13 9.42
C LEU B 227 17.64 7.76 10.73
N MET B 228 16.91 7.90 11.83
CA MET B 228 17.41 7.59 13.17
C MET B 228 18.11 6.22 13.27
N SER B 229 17.58 5.22 12.58
CA SER B 229 18.18 3.90 12.63
C SER B 229 19.15 3.61 11.49
N PHE B 230 19.57 4.65 10.78
CA PHE B 230 20.51 4.46 9.68
C PHE B 230 21.78 3.86 10.23
N TYR B 231 22.09 4.20 11.48
CA TYR B 231 23.27 3.70 12.16
C TYR B 231 23.23 2.19 12.41
N LYS B 232 22.32 1.74 13.28
CA LYS B 232 22.20 0.31 13.61
C LYS B 232 21.94 -0.61 12.41
N GLU B 233 21.38 -0.07 11.33
CA GLU B 233 21.10 -0.87 10.14
C GLU B 233 22.23 -0.79 9.13
N PHE B 234 23.36 -0.20 9.51
CA PHE B 234 24.47 -0.04 8.60
C PHE B 234 25.20 -1.35 8.23
N ASP B 235 25.94 -1.91 9.18
CA ASP B 235 26.68 -3.13 8.91
C ASP B 235 25.99 -4.39 9.45
N ASP B 236 24.67 -4.46 9.34
CA ASP B 236 23.94 -5.63 9.83
C ASP B 236 23.21 -6.36 8.70
N GLU B 237 23.26 -7.69 8.72
CA GLU B 237 22.58 -8.49 7.72
C GLU B 237 21.08 -8.42 8.04
N ARG B 238 20.23 -8.52 7.01
CA ARG B 238 18.77 -8.43 7.14
C ARG B 238 18.38 -6.95 7.13
N ASP B 239 19.19 -6.14 7.77
CA ASP B 239 18.97 -4.69 7.79
C ASP B 239 19.78 -4.18 6.60
N GLN B 240 20.37 -5.14 5.87
CA GLN B 240 21.19 -4.84 4.69
C GLN B 240 20.34 -4.16 3.63
N ILE B 241 19.06 -4.49 3.58
CA ILE B 241 18.15 -3.89 2.61
C ILE B 241 17.28 -2.81 3.25
N SER B 242 17.66 -1.55 3.05
CA SER B 242 16.92 -0.42 3.63
C SER B 242 16.61 0.63 2.57
N LEU B 243 15.61 1.47 2.85
CA LEU B 243 15.20 2.52 1.92
C LEU B 243 16.38 3.29 1.38
N VAL B 244 17.27 3.69 2.28
CA VAL B 244 18.45 4.44 1.87
C VAL B 244 19.31 3.57 0.96
N LYS B 245 19.67 2.39 1.43
CA LYS B 245 20.48 1.46 0.66
C LYS B 245 19.86 1.05 -0.69
N ASN B 246 18.53 0.97 -0.76
CA ASN B 246 17.89 0.59 -2.02
C ASN B 246 17.69 1.81 -2.91
N TYR B 247 17.79 3.00 -2.30
CA TYR B 247 17.68 4.22 -3.09
C TYR B 247 18.93 4.21 -3.95
N VAL B 248 20.06 3.89 -3.31
CA VAL B 248 21.35 3.84 -3.99
C VAL B 248 21.33 2.85 -5.15
N VAL B 249 21.02 1.60 -4.87
CA VAL B 249 20.96 0.56 -5.88
C VAL B 249 20.00 0.90 -7.03
N SER B 250 18.72 1.05 -6.69
CA SER B 250 17.67 1.33 -7.66
C SER B 250 17.70 2.70 -8.34
N ASP B 251 17.88 3.76 -7.57
CA ASP B 251 17.92 5.09 -8.15
C ASP B 251 19.28 5.47 -8.74
N GLU B 252 20.30 4.65 -8.47
CA GLU B 252 21.67 4.89 -8.95
C GLU B 252 22.22 6.24 -8.52
N ILE B 253 22.54 6.35 -7.24
CA ILE B 253 23.10 7.56 -6.67
C ILE B 253 24.03 7.17 -5.52
N SER B 254 24.61 8.16 -4.85
CA SER B 254 25.54 7.90 -3.74
C SER B 254 24.86 7.90 -2.38
N LEU B 255 25.34 7.04 -1.50
CA LEU B 255 24.81 6.95 -0.15
C LEU B 255 24.71 8.35 0.46
N HIS B 256 25.46 9.31 -0.09
CA HIS B 256 25.41 10.67 0.41
C HIS B 256 24.17 11.40 -0.08
N GLU B 257 23.83 11.21 -1.35
CA GLU B 257 22.66 11.85 -1.95
C GLU B 257 21.38 11.22 -1.42
N ALA B 258 21.34 9.89 -1.39
CA ALA B 258 20.19 9.14 -0.89
C ALA B 258 19.85 9.58 0.53
N LEU B 259 20.88 9.92 1.30
CA LEU B 259 20.67 10.38 2.66
C LEU B 259 20.06 11.76 2.63
N GLU B 260 20.52 12.60 1.71
CA GLU B 260 19.99 13.96 1.59
C GLU B 260 18.54 13.88 1.13
N LYS B 261 18.25 12.92 0.26
CA LYS B 261 16.91 12.71 -0.26
C LYS B 261 15.98 12.45 0.91
N LEU B 262 16.26 11.37 1.66
CA LEU B 262 15.47 10.99 2.84
C LEU B 262 15.28 12.16 3.81
N THR B 263 16.28 13.03 3.91
CA THR B 263 16.20 14.16 4.82
C THR B 263 15.27 15.23 4.26
N GLN B 264 15.48 15.62 3.01
CA GLN B 264 14.65 16.64 2.40
C GLN B 264 13.17 16.21 2.48
N ASP B 265 12.92 14.90 2.41
CA ASP B 265 11.56 14.39 2.49
C ASP B 265 11.07 14.56 3.92
N THR B 266 11.76 13.90 4.84
CA THR B 266 11.41 13.96 6.24
C THR B 266 11.12 15.38 6.70
N LEU B 267 11.95 16.32 6.26
CA LEU B 267 11.77 17.72 6.63
C LEU B 267 10.43 18.26 6.13
N HIS B 268 10.05 17.88 4.92
CA HIS B 268 8.80 18.35 4.32
C HIS B 268 7.57 17.74 4.99
N SER B 269 7.63 16.42 5.21
CA SER B 269 6.55 15.70 5.86
C SER B 269 6.23 16.46 7.14
N SER B 270 7.30 16.75 7.89
CA SER B 270 7.22 17.48 9.15
C SER B 270 6.54 18.83 8.99
N LYS B 271 6.95 19.58 7.96
CA LYS B 271 6.38 20.90 7.71
C LYS B 271 4.88 20.79 7.43
N GLN B 272 4.49 19.78 6.67
CA GLN B 272 3.09 19.62 6.32
C GLN B 272 2.22 19.08 7.44
N MET B 273 2.82 18.29 8.33
CA MET B 273 2.10 17.75 9.47
C MET B 273 1.53 18.95 10.21
N VAL B 274 2.39 19.93 10.46
CA VAL B 274 2.00 21.12 11.20
C VAL B 274 0.99 21.96 10.43
N ALA B 275 1.35 22.34 9.21
CA ALA B 275 0.43 23.14 8.41
C ALA B 275 -0.99 22.57 8.48
N VAL B 276 -1.11 21.29 8.14
CA VAL B 276 -2.38 20.57 8.11
C VAL B 276 -3.15 20.41 9.43
N PHE B 277 -2.47 19.94 10.48
CA PHE B 277 -3.15 19.69 11.74
C PHE B 277 -3.13 20.73 12.85
N SER B 278 -2.64 21.91 12.55
CA SER B 278 -2.60 22.96 13.56
C SER B 278 -3.98 23.52 13.85
N ASP B 279 -4.66 23.99 12.81
CA ASP B 279 -5.97 24.58 12.98
C ASP B 279 -7.10 23.56 13.22
N LYS B 280 -6.81 22.28 13.02
CA LYS B 280 -7.83 21.25 13.23
C LYS B 280 -8.04 20.89 14.70
N ASP B 281 -9.05 20.08 14.96
CA ASP B 281 -9.41 19.63 16.32
C ASP B 281 -8.20 19.51 17.23
N PRO B 282 -8.18 20.33 18.30
CA PRO B 282 -7.06 20.31 19.24
C PRO B 282 -6.69 18.92 19.73
N GLN B 283 -7.69 18.12 20.09
CA GLN B 283 -7.46 16.77 20.58
C GLN B 283 -6.65 15.92 19.61
N VAL B 284 -6.94 16.03 18.32
CA VAL B 284 -6.22 15.28 17.31
C VAL B 284 -4.76 15.71 17.34
N MET B 285 -4.54 17.02 17.18
CA MET B 285 -3.21 17.62 17.17
C MET B 285 -2.37 17.14 18.36
N ASP B 286 -3.02 17.09 19.52
CA ASP B 286 -2.40 16.67 20.76
C ASP B 286 -1.77 15.27 20.66
N THR B 287 -2.51 14.33 20.07
CA THR B 287 -2.06 12.94 19.91
C THR B 287 -0.92 12.83 18.89
N ILE B 288 -1.07 13.55 17.78
CA ILE B 288 -0.07 13.59 16.72
C ILE B 288 1.20 14.17 17.33
N GLU B 289 1.02 15.24 18.09
CA GLU B 289 2.11 15.94 18.76
C GLU B 289 2.86 15.01 19.72
N CYS B 290 2.11 14.32 20.57
CA CYS B 290 2.69 13.41 21.55
C CYS B 290 3.44 12.25 20.88
N PHE B 291 2.84 11.68 19.85
CA PHE B 291 3.45 10.56 19.13
C PHE B 291 4.77 10.99 18.51
N MET B 292 4.77 12.13 17.82
CA MET B 292 5.96 12.66 17.16
C MET B 292 7.15 12.90 18.10
N HIS B 293 6.90 13.53 19.24
CA HIS B 293 7.98 13.78 20.17
C HIS B 293 8.35 12.48 20.87
N GLY B 294 7.34 11.79 21.41
CA GLY B 294 7.59 10.53 22.09
C GLY B 294 8.35 9.54 21.21
N TYR B 295 7.98 9.51 19.94
CA TYR B 295 8.61 8.63 18.97
C TYR B 295 10.12 8.86 18.88
N VAL B 296 10.53 10.13 18.83
CA VAL B 296 11.95 10.48 18.76
C VAL B 296 12.69 10.16 20.07
N THR B 297 11.99 10.35 21.18
CA THR B 297 12.56 10.07 22.49
C THR B 297 12.98 8.61 22.56
N TRP B 298 12.10 7.73 22.07
CA TRP B 298 12.34 6.29 22.07
C TRP B 298 13.54 5.91 21.20
N HIS B 299 13.68 6.57 20.05
CA HIS B 299 14.78 6.30 19.13
C HIS B 299 16.11 6.69 19.75
N LEU B 300 16.10 7.76 20.54
CA LEU B 300 17.33 8.22 21.17
C LEU B 300 17.58 7.53 22.52
N CYS B 301 16.77 6.53 22.85
CA CYS B 301 16.92 5.82 24.12
C CYS B 301 16.94 4.31 24.11
N ASP B 302 16.34 3.67 23.10
CA ASP B 302 16.34 2.23 23.12
C ASP B 302 17.62 1.60 22.59
N ARG B 303 18.00 0.49 23.23
CA ARG B 303 19.18 -0.26 22.88
C ARG B 303 19.22 -0.60 21.38
N ARG B 304 18.11 -1.11 20.87
CA ARG B 304 18.00 -1.49 19.46
C ARG B 304 18.68 -0.51 18.49
N TYR B 305 18.41 0.79 18.67
CA TYR B 305 18.98 1.80 17.79
C TYR B 305 20.32 2.31 18.26
N ARG B 306 20.77 1.76 19.38
CA ARG B 306 22.05 2.11 19.99
C ARG B 306 22.72 3.39 19.49
N LEU B 307 22.11 4.54 19.77
CA LEU B 307 22.69 5.81 19.35
C LEU B 307 23.56 6.39 20.47
N SER B 308 23.81 5.55 21.48
CA SER B 308 24.65 5.92 22.62
C SER B 308 26.08 5.81 22.10
N GLU B 309 26.30 4.79 21.26
CA GLU B 309 27.61 4.54 20.66
C GLU B 309 27.96 5.66 19.69
N ILE B 310 27.30 6.80 19.84
CA ILE B 310 27.57 7.94 18.98
C ILE B 310 27.69 9.19 19.85
N TYR B 311 27.04 9.17 21.01
CA TYR B 311 27.13 10.29 21.94
C TYR B 311 28.53 10.15 22.52
N GLU B 312 28.90 8.89 22.78
CA GLU B 312 30.19 8.54 23.34
C GLU B 312 31.21 8.27 22.23
N LYS B 313 31.11 9.05 21.17
CA LYS B 313 32.03 8.93 20.04
C LYS B 313 32.10 10.31 19.39
N VAL B 314 31.35 11.24 19.98
CA VAL B 314 31.31 12.61 19.50
C VAL B 314 31.19 13.53 20.70
N LYS B 315 31.18 12.95 21.90
CA LYS B 315 31.10 13.75 23.11
C LYS B 315 32.31 14.66 23.12
N GLU B 316 33.25 14.42 22.20
CA GLU B 316 34.48 15.21 22.08
C GLU B 316 34.49 16.19 20.91
N GLU B 317 34.32 15.68 19.69
CA GLU B 317 34.33 16.51 18.47
C GLU B 317 33.51 17.79 18.62
N LYS B 318 34.17 18.90 18.96
CA LYS B 318 33.52 20.20 19.16
C LYS B 318 33.01 20.92 17.91
N THR B 319 32.04 20.33 17.22
CA THR B 319 31.45 20.93 16.02
C THR B 319 30.14 21.61 16.40
N GLU B 320 29.76 22.67 15.69
CA GLU B 320 28.51 23.36 15.99
C GLU B 320 27.37 22.40 15.62
N ASP B 321 27.74 21.26 15.08
CA ASP B 321 26.80 20.22 14.65
C ASP B 321 26.64 19.18 15.75
N ALA B 322 27.73 18.46 16.06
CA ALA B 322 27.73 17.42 17.10
C ALA B 322 27.54 18.04 18.49
N GLN B 323 27.40 19.35 18.52
CA GLN B 323 27.18 20.07 19.76
C GLN B 323 25.68 20.09 19.99
N LYS B 324 24.96 20.20 18.88
CA LYS B 324 23.50 20.20 18.91
C LYS B 324 23.02 18.77 19.13
N PHE B 325 23.62 17.83 18.41
CA PHE B 325 23.27 16.41 18.52
C PHE B 325 23.32 15.99 19.99
N CYS B 326 24.47 16.19 20.61
CA CYS B 326 24.66 15.81 22.01
C CYS B 326 23.73 16.61 22.94
N LYS B 327 23.44 17.84 22.57
CA LYS B 327 22.55 18.69 23.36
C LYS B 327 21.19 17.98 23.38
N PHE B 328 20.79 17.48 22.21
CA PHE B 328 19.53 16.77 22.05
C PHE B 328 19.54 15.44 22.79
N TYR B 329 20.48 14.58 22.42
CA TYR B 329 20.61 13.26 23.03
C TYR B 329 20.45 13.35 24.54
N GLU B 330 20.94 14.45 25.11
CA GLU B 330 20.86 14.67 26.54
C GLU B 330 19.41 14.85 27.00
N GLN B 331 18.70 15.80 26.39
CA GLN B 331 17.30 16.04 26.74
C GLN B 331 16.59 14.70 26.80
N ALA B 332 16.69 13.97 25.69
CA ALA B 332 16.07 12.66 25.53
C ALA B 332 16.21 11.74 26.74
N ALA B 333 17.42 11.24 26.95
CA ALA B 333 17.69 10.35 28.06
C ALA B 333 17.20 10.96 29.37
N ASN B 334 17.37 12.27 29.51
CA ASN B 334 16.92 12.96 30.72
C ASN B 334 15.47 12.67 31.05
N VAL B 335 14.65 12.54 30.01
CA VAL B 335 13.23 12.29 30.17
C VAL B 335 12.86 10.82 29.99
N GLY B 336 13.40 10.22 28.95
CA GLY B 336 13.09 8.84 28.64
C GLY B 336 14.10 7.74 28.93
N ALA B 337 15.16 8.06 29.66
CA ALA B 337 16.15 7.03 30.00
C ALA B 337 15.72 6.43 31.34
N VAL B 338 15.23 5.19 31.28
CA VAL B 338 14.77 4.52 32.49
C VAL B 338 15.48 3.18 32.66
N SER B 339 15.55 2.73 33.90
CA SER B 339 16.20 1.46 34.20
C SER B 339 15.20 0.32 34.09
N PRO B 340 15.46 -0.64 33.19
CA PRO B 340 14.60 -1.81 32.98
C PRO B 340 14.27 -2.49 34.29
N SER B 341 15.13 -2.26 35.28
CA SER B 341 14.95 -2.85 36.61
C SER B 341 13.75 -2.26 37.34
N GLU B 342 13.17 -1.21 36.76
CA GLU B 342 12.02 -0.56 37.37
C GLU B 342 10.68 -0.93 36.77
N TRP B 343 10.69 -1.60 35.62
CA TRP B 343 9.44 -1.99 34.98
C TRP B 343 9.45 -3.35 34.26
N ALA B 344 10.53 -3.66 33.56
CA ALA B 344 10.66 -4.90 32.81
C ALA B 344 10.99 -6.10 33.70
N TYR B 345 10.02 -6.55 34.49
CA TYR B 345 10.24 -7.68 35.39
C TYR B 345 8.94 -8.41 35.80
N PRO B 346 9.03 -9.73 36.00
CA PRO B 346 10.25 -10.52 35.87
C PRO B 346 10.47 -10.86 34.38
N PRO B 347 11.61 -11.50 34.07
CA PRO B 347 11.89 -11.88 32.68
C PRO B 347 10.84 -12.82 32.11
N VAL B 348 10.51 -12.66 30.83
CA VAL B 348 9.49 -13.51 30.21
C VAL B 348 9.79 -14.97 30.45
N ALA B 349 11.05 -15.34 30.29
CA ALA B 349 11.47 -16.72 30.49
C ALA B 349 11.06 -17.25 31.87
N GLN B 350 11.37 -16.48 32.91
CA GLN B 350 11.04 -16.88 34.28
C GLN B 350 9.55 -17.13 34.46
N LEU B 351 8.73 -16.43 33.71
CA LEU B 351 7.30 -16.61 33.79
C LEU B 351 6.89 -17.89 33.06
N ALA B 352 7.60 -18.17 31.98
CA ALA B 352 7.32 -19.34 31.16
C ALA B 352 7.46 -20.67 31.89
N ASN B 353 8.56 -20.85 32.62
CA ASN B 353 8.79 -22.10 33.35
C ASN B 353 8.06 -22.14 34.69
N VAL B 354 6.76 -21.87 34.65
CA VAL B 354 5.94 -21.91 35.85
C VAL B 354 4.58 -22.48 35.48
C1 EDO C . -10.10 -11.71 1.83
O1 EDO C . -9.93 -10.68 0.70
C2 EDO C . -10.77 -11.17 3.09
O2 EDO C . -11.99 -10.27 2.67
MG MG D . 14.88 1.57 9.47
MG MG E . 14.46 -4.25 10.75
MG MG F . 11.11 -4.17 9.08
P1 POP G . 12.35 -1.31 9.81
O1 POP G . 13.15 -0.22 9.13
O2 POP G . 12.74 -2.69 9.31
O3 POP G . 10.91 -1.10 9.58
O POP G . 12.46 -0.99 11.37
P2 POP G . 13.86 -1.04 12.24
O4 POP G . 14.86 0.02 11.70
O5 POP G . 14.38 -2.46 12.10
O6 POP G . 13.38 -0.68 13.57
N BTM H . 8.35 1.08 12.81
C1 BTM H . 9.10 -0.27 12.50
C2 BTM H . 6.78 0.93 12.67
C3 BTM H . 5.95 0.45 13.90
C4 BTM H . 8.78 2.13 11.75
C5 BTM H . 8.52 1.83 10.25
C6 BTM H . 8.65 1.68 14.20
C7 BTM H . 10.13 1.93 14.57
C8 BTM H . 8.85 -1.53 13.33
C9 BTM H . 8.50 -2.75 12.65
C10 BTM H . 8.24 -3.94 13.37
C11 BTM H . 8.33 -3.96 14.77
C12 BTM H . 8.68 -2.76 15.48
C13 BTM H . 8.93 -1.58 14.76
C1 EDO I . -5.88 -11.81 8.69
O1 EDO I . -4.59 -12.62 8.45
C2 EDO I . -5.73 -10.64 9.68
O2 EDO I . -4.30 -10.00 9.50
#